data_4LIS
#
_entry.id   4LIS
#
_cell.length_a   66.133
_cell.length_b   119.154
_cell.length_c   161.424
_cell.angle_alpha   90.000
_cell.angle_beta   98.480
_cell.angle_gamma   90.000
#
_symmetry.space_group_name_H-M   'C 1 2 1'
#
loop_
_entity.id
_entity.type
_entity.pdbx_description
1 polymer 'UDP-glucose 4-epimerase'
2 non-polymer "URIDINE-5'-DIPHOSPHATE-GLUCOSE"
3 non-polymer NICOTINAMIDE-ADENINE-DINUCLEOTIDE
4 non-polymer GLYCEROL
5 non-polymer 'IODIDE ION'
6 non-polymer "URIDINE-5'-DIPHOSPHATE"
7 water water
#
_entity_poly.entity_id   1
_entity_poly.type   'polypeptide(L)'
_entity_poly.pdbx_seq_one_letter_code
;MPSGSVLVTGGTGYIGSFTTLALLEAGYKVVVADNLYNSSAEALNRIELISGKKAEFAQLDVTDEAAFDKVFEAHPDIDS
VIHFAALKAVGESGEKPLDYYHVNVYGTICLLRSMVRHNVTNIVFSSSATVYGDATRFPDMIPIPEHCPLGPTNPYGNTK
FAIELAITDVINAQRNNAKKAGNETEAAKWNGALLRYFNPAGAHPSGIMGEDPQGVPYNLLPLLAQVATGKREKLLVFGD
DYASHDGTAIRDYIHILDLADGHLKALNYLRANNPGVRAWNLGTGRGSTVYEMIRAFSKAVGRDLPYEVAPRRAGDVLNL
TSNPTRANTELGWKAQRTLEQACEDLWLWTKNNPQGYRQQPPAELLEQLKK
;
_entity_poly.pdbx_strand_id   A,B,C
#
loop_
_chem_comp.id
_chem_comp.type
_chem_comp.name
_chem_comp.formula
GOL non-polymer GLYCEROL 'C3 H8 O3'
IOD non-polymer 'IODIDE ION' 'I -1'
NAD non-polymer NICOTINAMIDE-ADENINE-DINUCLEOTIDE 'C21 H27 N7 O14 P2'
UDP RNA linking URIDINE-5'-DIPHOSPHATE 'C9 H14 N2 O12 P2'
UPG non-polymer URIDINE-5'-DIPHOSPHATE-GLUCOSE 'C15 H24 N2 O17 P2'
#
# COMPACT_ATOMS: atom_id res chain seq x y z
N PRO A 2 -23.07 15.58 42.71
CA PRO A 2 -23.02 14.53 41.68
C PRO A 2 -24.17 13.55 41.83
N SER A 3 -24.57 12.93 40.73
CA SER A 3 -25.65 11.94 40.75
C SER A 3 -25.10 10.52 40.87
N GLY A 4 -23.96 10.39 41.53
CA GLY A 4 -23.32 9.10 41.71
C GLY A 4 -21.97 9.01 41.03
N SER A 5 -21.17 8.04 41.45
CA SER A 5 -19.86 7.82 40.86
C SER A 5 -19.82 6.44 40.21
N VAL A 6 -19.04 6.30 39.14
CA VAL A 6 -18.95 5.04 38.40
C VAL A 6 -17.55 4.79 37.84
N LEU A 7 -17.03 3.59 38.07
CA LEU A 7 -15.79 3.17 37.42
C LEU A 7 -16.11 2.47 36.11
N VAL A 8 -15.49 2.91 35.02
CA VAL A 8 -15.73 2.31 33.72
C VAL A 8 -14.47 1.70 33.13
N THR A 9 -14.33 0.38 33.24
CA THR A 9 -13.24 -0.32 32.59
C THR A 9 -13.48 -0.25 31.08
N GLY A 10 -12.40 -0.28 30.31
CA GLY A 10 -12.51 -0.01 28.89
C GLY A 10 -12.65 1.49 28.71
N GLY A 11 -13.89 1.98 28.72
CA GLY A 11 -14.15 3.41 28.72
C GLY A 11 -13.66 4.20 27.53
N THR A 12 -12.41 3.96 27.12
CA THR A 12 -11.85 4.63 25.95
C THR A 12 -12.17 3.86 24.67
N GLY A 13 -12.72 2.66 24.84
CA GLY A 13 -13.09 1.82 23.71
C GLY A 13 -14.33 2.30 23.00
N TYR A 14 -14.85 1.48 22.09
CA TYR A 14 -16.01 1.84 21.28
C TYR A 14 -17.24 2.09 22.15
N ILE A 15 -17.83 1.01 22.67
CA ILE A 15 -19.04 1.10 23.47
C ILE A 15 -18.77 1.83 24.79
N GLY A 16 -17.54 1.75 25.26
CA GLY A 16 -17.14 2.40 26.49
C GLY A 16 -17.18 3.91 26.42
N SER A 17 -16.76 4.47 25.29
CA SER A 17 -16.69 5.91 25.12
C SER A 17 -18.06 6.57 25.13
N PHE A 18 -19.00 5.98 24.40
CA PHE A 18 -20.35 6.51 24.33
C PHE A 18 -21.11 6.30 25.64
N THR A 19 -20.70 5.29 26.39
CA THR A 19 -21.30 5.01 27.69
C THR A 19 -20.86 6.05 28.73
N THR A 20 -19.55 6.31 28.78
CA THR A 20 -19.01 7.33 29.68
C THR A 20 -19.52 8.71 29.28
N LEU A 21 -19.83 8.88 28.00
CA LEU A 21 -20.39 10.13 27.50
C LEU A 21 -21.79 10.32 28.05
N ALA A 22 -22.58 9.26 28.03
CA ALA A 22 -23.95 9.30 28.53
C ALA A 22 -23.99 9.42 30.05
N LEU A 23 -22.96 8.88 30.71
CA LEU A 23 -22.86 8.94 32.16
C LEU A 23 -22.58 10.37 32.65
N LEU A 24 -21.61 11.02 32.02
CA LEU A 24 -21.25 12.38 32.38
C LEU A 24 -22.39 13.35 32.11
N GLU A 25 -23.11 13.13 31.03
CA GLU A 25 -24.26 13.97 30.67
C GLU A 25 -25.43 13.74 31.63
N ALA A 26 -25.40 12.61 32.32
CA ALA A 26 -26.44 12.29 33.30
C ALA A 26 -26.10 12.89 34.67
N GLY A 27 -24.85 13.34 34.81
CA GLY A 27 -24.42 13.97 36.04
C GLY A 27 -23.50 13.10 36.88
N TYR A 28 -23.14 11.93 36.35
CA TYR A 28 -22.29 10.99 37.07
C TYR A 28 -20.83 11.44 37.11
N LYS A 29 -20.10 10.94 38.10
CA LYS A 29 -18.66 11.09 38.14
C LYS A 29 -18.04 9.82 37.58
N VAL A 30 -17.24 9.96 36.54
CA VAL A 30 -16.71 8.79 35.84
C VAL A 30 -15.19 8.69 35.93
N VAL A 31 -14.71 7.52 36.33
CA VAL A 31 -13.27 7.22 36.29
C VAL A 31 -13.05 6.11 35.27
N VAL A 32 -12.29 6.42 34.23
CA VAL A 32 -12.09 5.48 33.13
C VAL A 32 -10.81 4.66 33.32
N ALA A 33 -10.94 3.34 33.23
CA ALA A 33 -9.79 2.44 33.34
C ALA A 33 -9.55 1.69 32.04
N ASP A 34 -8.36 1.85 31.47
CA ASP A 34 -7.99 1.16 30.23
C ASP A 34 -6.48 1.13 30.07
N ASN A 35 -5.98 0.05 29.45
CA ASN A 35 -4.56 -0.06 29.14
C ASN A 35 -4.28 0.44 27.73
N LEU A 36 -5.33 0.92 27.06
CA LEU A 36 -5.24 1.47 25.70
C LEU A 36 -4.72 0.44 24.70
N TYR A 37 -5.17 -0.81 24.85
CA TYR A 37 -4.77 -1.88 23.95
C TYR A 37 -5.42 -1.74 22.57
N ASN A 38 -6.71 -1.42 22.55
CA ASN A 38 -7.46 -1.35 21.31
C ASN A 38 -8.24 -0.04 21.18
N SER A 39 -7.70 1.02 21.78
CA SER A 39 -8.34 2.33 21.74
C SER A 39 -7.34 3.45 22.05
N SER A 40 -7.78 4.69 21.90
CA SER A 40 -6.93 5.84 22.16
C SER A 40 -7.51 6.70 23.29
N ALA A 41 -6.64 7.39 24.01
CA ALA A 41 -7.06 8.26 25.10
C ALA A 41 -7.66 9.55 24.59
N GLU A 42 -7.55 9.77 23.28
CA GLU A 42 -8.09 10.96 22.64
C GLU A 42 -9.62 11.01 22.73
N ALA A 43 -10.24 9.84 22.82
CA ALA A 43 -11.70 9.74 22.92
C ALA A 43 -12.26 10.54 24.08
N LEU A 44 -11.47 10.65 25.15
CA LEU A 44 -11.86 11.42 26.32
C LEU A 44 -11.91 12.92 26.01
N ASN A 45 -10.95 13.37 25.19
CA ASN A 45 -10.90 14.77 24.78
C ASN A 45 -12.10 15.14 23.91
N ARG A 46 -12.59 14.16 23.15
CA ARG A 46 -13.76 14.36 22.31
C ARG A 46 -15.02 14.42 23.17
N ILE A 47 -15.00 13.70 24.28
CA ILE A 47 -16.11 13.71 25.24
C ILE A 47 -16.23 15.09 25.89
N GLU A 48 -15.09 15.66 26.26
CA GLU A 48 -15.05 16.99 26.88
C GLU A 48 -15.59 18.05 25.93
N LEU A 49 -15.34 17.87 24.64
CA LEU A 49 -15.80 18.82 23.63
C LEU A 49 -17.32 18.73 23.41
N ILE A 50 -17.88 17.56 23.63
CA ILE A 50 -19.31 17.34 23.42
C ILE A 50 -20.13 17.63 24.67
N SER A 51 -19.76 17.02 25.79
CA SER A 51 -20.52 17.12 27.03
C SER A 51 -20.14 18.34 27.86
N GLY A 52 -18.90 18.79 27.74
CA GLY A 52 -18.40 19.89 28.54
C GLY A 52 -17.75 19.38 29.81
N LYS A 53 -18.09 18.16 30.19
CA LYS A 53 -17.51 17.52 31.35
C LYS A 53 -16.46 16.49 30.92
N LYS A 54 -15.51 16.21 31.80
CA LYS A 54 -14.47 15.24 31.48
C LYS A 54 -14.33 14.19 32.58
N ALA A 55 -13.96 12.98 32.18
CA ALA A 55 -13.79 11.88 33.12
C ALA A 55 -12.32 11.71 33.50
N GLU A 56 -12.08 11.26 34.73
CA GLU A 56 -10.73 11.00 35.19
C GLU A 56 -10.22 9.71 34.55
N PHE A 57 -8.97 9.71 34.10
CA PHE A 57 -8.41 8.56 33.40
C PHE A 57 -7.33 7.84 34.20
N ALA A 58 -7.47 6.52 34.28
CA ALA A 58 -6.46 5.68 34.93
C ALA A 58 -5.99 4.61 33.95
N GLN A 59 -4.70 4.64 33.64
CA GLN A 59 -4.12 3.68 32.69
C GLN A 59 -3.56 2.46 33.41
N LEU A 60 -4.28 1.35 33.32
CA LEU A 60 -3.88 0.12 34.00
C LEU A 60 -4.43 -1.13 33.33
N ASP A 61 -3.73 -2.24 33.50
CA ASP A 61 -4.18 -3.54 32.99
C ASP A 61 -5.24 -4.11 33.93
N VAL A 62 -6.28 -4.71 33.34
CA VAL A 62 -7.40 -5.25 34.10
C VAL A 62 -6.97 -6.52 34.85
N THR A 63 -5.85 -7.10 34.41
CA THR A 63 -5.31 -8.28 35.07
C THR A 63 -4.37 -7.90 36.21
N ASP A 64 -4.31 -6.61 36.50
CA ASP A 64 -3.50 -6.11 37.60
C ASP A 64 -4.39 -5.75 38.79
N GLU A 65 -4.52 -6.69 39.71
CA GLU A 65 -5.43 -6.55 40.85
C GLU A 65 -5.04 -5.39 41.77
N ALA A 66 -3.74 -5.17 41.91
CA ALA A 66 -3.24 -4.08 42.74
C ALA A 66 -3.62 -2.72 42.17
N ALA A 67 -3.69 -2.64 40.85
CA ALA A 67 -4.07 -1.39 40.17
C ALA A 67 -5.52 -1.03 40.46
N PHE A 68 -6.37 -2.05 40.56
CA PHE A 68 -7.78 -1.84 40.89
C PHE A 68 -7.93 -1.34 42.32
N ASP A 69 -7.04 -1.79 43.20
CA ASP A 69 -7.06 -1.36 44.59
C ASP A 69 -6.71 0.12 44.70
N LYS A 70 -5.72 0.56 43.93
CA LYS A 70 -5.27 1.95 43.96
C LYS A 70 -6.38 2.91 43.55
N VAL A 71 -7.22 2.47 42.61
CA VAL A 71 -8.33 3.27 42.12
C VAL A 71 -9.40 3.46 43.19
N PHE A 72 -9.81 2.36 43.80
CA PHE A 72 -10.85 2.39 44.84
C PHE A 72 -10.38 3.12 46.09
N GLU A 73 -9.10 3.06 46.38
CA GLU A 73 -8.54 3.75 47.54
C GLU A 73 -8.48 5.27 47.29
N ALA A 74 -8.30 5.65 46.03
CA ALA A 74 -8.27 7.05 45.66
C ALA A 74 -9.67 7.58 45.41
N HIS A 75 -10.60 6.66 45.14
CA HIS A 75 -12.00 7.02 44.93
C HIS A 75 -12.90 6.08 45.71
N PRO A 76 -13.08 6.34 47.02
CA PRO A 76 -13.87 5.47 47.90
C PRO A 76 -15.37 5.67 47.74
N ASP A 77 -15.77 6.55 46.82
CA ASP A 77 -17.17 6.88 46.63
C ASP A 77 -17.72 6.29 45.33
N ILE A 78 -16.97 5.39 44.71
CA ILE A 78 -17.36 4.81 43.43
C ILE A 78 -18.65 3.98 43.51
N ASP A 79 -18.64 2.95 44.35
CA ASP A 79 -19.84 2.14 44.63
C ASP A 79 -20.38 1.28 43.47
N SER A 80 -20.07 1.65 42.23
CA SER A 80 -20.53 0.88 41.08
C SER A 80 -19.55 0.88 39.90
N VAL A 81 -19.45 -0.25 39.21
CA VAL A 81 -18.49 -0.43 38.13
C VAL A 81 -19.15 -0.97 36.87
N ILE A 82 -18.80 -0.40 35.72
CA ILE A 82 -19.26 -0.92 34.43
C ILE A 82 -18.08 -1.56 33.69
N HIS A 83 -18.24 -2.84 33.33
CA HIS A 83 -17.12 -3.64 32.85
C HIS A 83 -17.13 -3.86 31.34
N PHE A 84 -16.29 -3.11 30.62
CA PHE A 84 -16.17 -3.24 29.17
C PHE A 84 -14.88 -3.95 28.77
N ALA A 85 -13.85 -3.83 29.60
CA ALA A 85 -12.51 -4.33 29.28
C ALA A 85 -12.45 -5.82 28.94
N ALA A 86 -12.23 -6.12 27.67
CA ALA A 86 -12.12 -7.50 27.20
C ALA A 86 -11.56 -7.55 25.78
N LEU A 87 -11.36 -8.77 25.27
CA LEU A 87 -10.99 -8.98 23.88
C LEU A 87 -12.20 -9.52 23.14
N LYS A 88 -12.50 -8.97 21.97
CA LYS A 88 -13.80 -9.25 21.32
C LYS A 88 -13.72 -9.93 19.96
N ALA A 89 -12.52 -10.17 19.45
CA ALA A 89 -12.37 -10.81 18.15
C ALA A 89 -12.67 -12.31 18.21
N VAL A 90 -13.77 -12.72 17.58
CA VAL A 90 -14.21 -14.10 17.60
C VAL A 90 -13.21 -15.05 16.94
N GLY A 91 -12.78 -14.73 15.73
CA GLY A 91 -11.84 -15.55 15.00
C GLY A 91 -10.50 -15.66 15.69
N GLU A 92 -10.05 -14.57 16.28
CA GLU A 92 -8.77 -14.52 16.99
C GLU A 92 -8.82 -15.37 18.26
N SER A 93 -10.01 -15.49 18.84
CA SER A 93 -10.19 -16.27 20.06
C SER A 93 -9.94 -17.75 19.80
N GLY A 94 -10.11 -18.17 18.56
CA GLY A 94 -9.85 -19.55 18.16
C GLY A 94 -8.38 -19.79 17.89
N GLU A 95 -7.61 -18.71 17.83
CA GLU A 95 -6.17 -18.78 17.59
C GLU A 95 -5.38 -18.71 18.89
N LYS A 96 -5.78 -17.79 19.76
CA LYS A 96 -5.16 -17.65 21.07
C LYS A 96 -6.20 -17.44 22.18
N PRO A 97 -6.90 -18.51 22.58
CA PRO A 97 -7.94 -18.46 23.60
C PRO A 97 -7.40 -18.17 25.00
N LEU A 98 -6.16 -18.54 25.26
CA LEU A 98 -5.53 -18.31 26.56
C LEU A 98 -5.50 -16.82 26.91
N ASP A 99 -5.21 -15.99 25.91
CA ASP A 99 -5.19 -14.54 26.11
C ASP A 99 -6.58 -14.01 26.41
N TYR A 100 -7.59 -14.69 25.87
CA TYR A 100 -8.98 -14.31 26.12
C TYR A 100 -9.43 -14.72 27.53
N TYR A 101 -9.04 -15.92 27.93
CA TYR A 101 -9.35 -16.39 29.28
C TYR A 101 -8.59 -15.61 30.34
N HIS A 102 -7.44 -15.09 29.97
CA HIS A 102 -6.61 -14.33 30.91
C HIS A 102 -7.12 -12.90 31.07
N VAL A 103 -7.56 -12.30 29.97
CA VAL A 103 -8.03 -10.92 29.99
C VAL A 103 -9.49 -10.81 30.42
N ASN A 104 -10.36 -11.58 29.76
CA ASN A 104 -11.79 -11.53 30.05
C ASN A 104 -12.16 -12.15 31.40
N VAL A 105 -11.87 -13.44 31.56
CA VAL A 105 -12.24 -14.17 32.76
C VAL A 105 -11.45 -13.73 33.99
N TYR A 106 -10.13 -13.85 33.93
CA TYR A 106 -9.28 -13.51 35.06
C TYR A 106 -9.32 -12.02 35.39
N GLY A 107 -9.44 -11.19 34.36
CA GLY A 107 -9.55 -9.75 34.56
C GLY A 107 -10.80 -9.39 35.34
N THR A 108 -11.87 -10.14 35.11
CA THR A 108 -13.12 -9.95 35.84
C THR A 108 -12.95 -10.41 37.28
N ILE A 109 -12.21 -11.50 37.47
CA ILE A 109 -11.94 -12.04 38.80
C ILE A 109 -11.20 -11.02 39.66
N CYS A 110 -10.18 -10.39 39.08
CA CYS A 110 -9.42 -9.35 39.76
C CYS A 110 -10.30 -8.18 40.15
N LEU A 111 -11.25 -7.85 39.28
CA LEU A 111 -12.18 -6.75 39.54
C LEU A 111 -13.10 -7.07 40.71
N LEU A 112 -13.75 -8.22 40.65
CA LEU A 112 -14.67 -8.64 41.71
C LEU A 112 -13.99 -8.74 43.07
N ARG A 113 -12.79 -9.29 43.09
CA ARG A 113 -12.00 -9.41 44.32
C ARG A 113 -11.72 -8.03 44.90
N SER A 114 -11.33 -7.09 44.04
CA SER A 114 -11.05 -5.73 44.48
C SER A 114 -12.34 -5.01 44.84
N MET A 115 -13.43 -5.39 44.18
CA MET A 115 -14.74 -4.80 44.47
C MET A 115 -15.22 -5.19 45.86
N VAL A 116 -15.15 -6.47 46.18
CA VAL A 116 -15.53 -6.97 47.50
C VAL A 116 -14.62 -6.39 48.57
N ARG A 117 -13.35 -6.20 48.23
CA ARG A 117 -12.36 -5.69 49.16
C ARG A 117 -12.62 -4.24 49.54
N HIS A 118 -13.18 -3.47 48.62
CA HIS A 118 -13.43 -2.05 48.84
C HIS A 118 -14.91 -1.69 48.93
N ASN A 119 -15.76 -2.73 48.99
CA ASN A 119 -17.19 -2.57 49.15
C ASN A 119 -17.91 -1.75 48.08
N VAL A 120 -17.53 -1.97 46.83
CA VAL A 120 -18.34 -1.51 45.70
C VAL A 120 -19.23 -2.67 45.28
N THR A 121 -20.54 -2.45 45.27
CA THR A 121 -21.49 -3.55 45.25
C THR A 121 -22.27 -3.73 43.95
N ASN A 122 -22.18 -2.75 43.05
CA ASN A 122 -22.91 -2.83 41.79
C ASN A 122 -22.00 -2.98 40.57
N ILE A 123 -22.30 -3.97 39.73
CA ILE A 123 -21.53 -4.19 38.52
C ILE A 123 -22.42 -4.40 37.29
N VAL A 124 -22.08 -3.75 36.19
CA VAL A 124 -22.77 -3.93 34.93
C VAL A 124 -21.81 -4.56 33.92
N PHE A 125 -22.05 -5.83 33.59
CA PHE A 125 -21.15 -6.56 32.72
C PHE A 125 -21.53 -6.47 31.25
N SER A 126 -20.52 -6.40 30.39
CA SER A 126 -20.73 -6.34 28.95
C SER A 126 -20.71 -7.73 28.34
N SER A 127 -21.86 -8.41 28.37
CA SER A 127 -21.98 -9.72 27.77
C SER A 127 -22.37 -9.61 26.30
N SER A 128 -22.16 -10.68 25.54
CA SER A 128 -22.48 -10.69 24.13
C SER A 128 -23.65 -11.62 23.83
N ALA A 129 -24.15 -11.56 22.60
CA ALA A 129 -25.25 -12.42 22.18
C ALA A 129 -24.73 -13.75 21.67
N THR A 130 -23.41 -13.90 21.66
CA THR A 130 -22.77 -15.13 21.20
C THR A 130 -22.94 -16.27 22.20
N VAL A 131 -23.41 -15.94 23.39
CA VAL A 131 -23.63 -16.94 24.44
C VAL A 131 -24.80 -17.85 24.09
N TYR A 132 -25.68 -17.37 23.22
CA TYR A 132 -26.83 -18.16 22.79
C TYR A 132 -26.42 -19.20 21.75
N GLY A 133 -25.30 -18.96 21.09
CA GLY A 133 -24.85 -19.82 20.00
C GLY A 133 -25.84 -19.80 18.86
N ASP A 134 -26.13 -20.96 18.30
CA ASP A 134 -27.15 -21.08 17.27
C ASP A 134 -28.49 -21.35 17.95
N ALA A 135 -29.50 -20.53 17.64
CA ALA A 135 -30.81 -20.66 18.28
C ALA A 135 -31.82 -21.39 17.40
N THR A 136 -31.33 -21.96 16.30
CA THR A 136 -32.20 -22.68 15.38
C THR A 136 -32.40 -24.14 15.77
N ARG A 137 -31.60 -24.59 16.73
CA ARG A 137 -31.72 -25.95 17.26
C ARG A 137 -32.87 -26.05 18.25
N PHE A 138 -33.50 -24.92 18.53
CA PHE A 138 -34.62 -24.87 19.46
C PHE A 138 -35.87 -24.30 18.78
N PRO A 139 -37.00 -24.99 18.91
CA PRO A 139 -38.27 -24.55 18.35
C PRO A 139 -38.76 -23.25 19.01
N ASP A 140 -39.22 -22.31 18.19
CA ASP A 140 -39.78 -21.04 18.67
C ASP A 140 -38.83 -20.26 19.57
N MET A 141 -37.55 -20.23 19.21
CA MET A 141 -36.55 -19.52 20.00
C MET A 141 -36.04 -18.28 19.27
N ILE A 142 -36.61 -17.99 18.10
CA ILE A 142 -36.28 -16.80 17.34
C ILE A 142 -37.51 -15.93 17.16
N PRO A 143 -37.46 -14.66 17.59
CA PRO A 143 -36.34 -13.92 18.20
C PRO A 143 -35.89 -14.48 19.54
N ILE A 144 -34.64 -14.20 19.90
CA ILE A 144 -34.00 -14.82 21.06
C ILE A 144 -34.31 -14.12 22.38
N PRO A 145 -35.00 -14.82 23.30
CA PRO A 145 -35.31 -14.31 24.63
C PRO A 145 -34.15 -14.56 25.59
N GLU A 146 -34.18 -13.93 26.76
CA GLU A 146 -33.13 -14.09 27.74
C GLU A 146 -33.10 -15.49 28.35
N HIS A 147 -34.26 -16.13 28.40
CA HIS A 147 -34.37 -17.46 29.00
C HIS A 147 -33.93 -18.58 28.07
N CYS A 148 -33.28 -18.20 26.98
CA CYS A 148 -32.72 -19.18 26.04
C CYS A 148 -31.49 -19.82 26.65
N PRO A 149 -31.45 -21.17 26.67
CA PRO A 149 -30.30 -21.92 27.20
C PRO A 149 -29.01 -21.57 26.46
N LEU A 150 -27.99 -21.21 27.21
CA LEU A 150 -26.74 -20.71 26.63
C LEU A 150 -25.82 -21.83 26.15
N GLY A 151 -25.14 -21.58 25.03
CA GLY A 151 -24.22 -22.55 24.46
C GLY A 151 -23.39 -21.96 23.33
N PRO A 152 -22.29 -21.27 23.70
CA PRO A 152 -21.40 -20.62 22.73
C PRO A 152 -20.70 -21.61 21.82
N THR A 153 -20.18 -21.13 20.69
CA THR A 153 -19.49 -22.00 19.73
C THR A 153 -18.03 -21.59 19.55
N ASN A 154 -17.62 -20.56 20.26
CA ASN A 154 -16.25 -20.06 20.17
C ASN A 154 -15.70 -19.66 21.54
N PRO A 155 -14.37 -19.74 21.73
CA PRO A 155 -13.70 -19.40 22.98
C PRO A 155 -14.11 -18.03 23.54
N TYR A 156 -14.35 -17.06 22.65
CA TYR A 156 -14.79 -15.74 23.08
C TYR A 156 -16.14 -15.80 23.79
N GLY A 157 -17.05 -16.61 23.25
CA GLY A 157 -18.36 -16.80 23.84
C GLY A 157 -18.28 -17.50 25.18
N ASN A 158 -17.37 -18.46 25.28
CA ASN A 158 -17.18 -19.20 26.53
C ASN A 158 -16.67 -18.32 27.67
N THR A 159 -15.82 -17.35 27.33
CA THR A 159 -15.31 -16.42 28.33
C THR A 159 -16.46 -15.58 28.89
N LYS A 160 -17.29 -15.06 27.99
CA LYS A 160 -18.48 -14.29 28.40
C LYS A 160 -19.43 -15.15 29.22
N PHE A 161 -19.56 -16.41 28.81
CA PHE A 161 -20.44 -17.34 29.48
C PHE A 161 -19.91 -17.70 30.87
N ALA A 162 -18.59 -17.83 30.97
CA ALA A 162 -17.95 -18.14 32.24
C ALA A 162 -18.08 -16.98 33.22
N ILE A 163 -17.93 -15.76 32.72
CA ILE A 163 -18.04 -14.57 33.55
C ILE A 163 -19.46 -14.41 34.11
N GLU A 164 -20.47 -14.61 33.27
CA GLU A 164 -21.86 -14.53 33.70
C GLU A 164 -22.13 -15.44 34.90
N LEU A 165 -21.58 -16.65 34.84
CA LEU A 165 -21.72 -17.61 35.93
C LEU A 165 -20.99 -17.11 37.17
N ALA A 166 -19.85 -16.47 36.97
CA ALA A 166 -19.06 -15.93 38.07
C ALA A 166 -19.77 -14.77 38.74
N ILE A 167 -20.29 -13.84 37.94
CA ILE A 167 -21.01 -12.68 38.44
C ILE A 167 -22.20 -13.10 39.29
N THR A 168 -22.94 -14.10 38.82
CA THR A 168 -24.09 -14.62 39.55
C THR A 168 -23.69 -15.19 40.90
N ASP A 169 -22.69 -16.08 40.89
CA ASP A 169 -22.25 -16.75 42.11
C ASP A 169 -21.67 -15.79 43.14
N VAL A 170 -20.79 -14.90 42.69
CA VAL A 170 -20.14 -13.94 43.58
C VAL A 170 -21.14 -13.02 44.28
N ILE A 171 -22.02 -12.40 43.50
CA ILE A 171 -23.00 -11.45 44.04
C ILE A 171 -24.04 -12.12 44.93
N ASN A 172 -24.57 -13.26 44.48
CA ASN A 172 -25.55 -14.00 45.28
C ASN A 172 -24.98 -14.43 46.62
N ALA A 173 -23.68 -14.70 46.64
CA ALA A 173 -23.00 -15.08 47.89
C ALA A 173 -23.00 -13.92 48.87
N GLN A 174 -22.72 -12.72 48.36
CA GLN A 174 -22.71 -11.52 49.20
C GLN A 174 -24.08 -11.24 49.80
N ARG A 175 -25.12 -11.54 49.03
CA ARG A 175 -26.50 -11.34 49.48
C ARG A 175 -26.90 -12.41 50.49
N ASN A 176 -26.60 -13.66 50.17
CA ASN A 176 -26.96 -14.78 51.03
C ASN A 176 -26.21 -14.79 52.36
N ASN A 177 -24.94 -14.39 52.34
CA ASN A 177 -24.16 -14.29 53.56
C ASN A 177 -24.69 -13.21 54.49
N ALA A 178 -25.27 -12.16 53.91
CA ALA A 178 -25.85 -11.08 54.68
C ALA A 178 -27.20 -11.49 55.26
N LYS A 179 -27.95 -12.29 54.50
CA LYS A 179 -29.23 -12.81 54.94
C LYS A 179 -29.06 -13.76 56.11
N LYS A 180 -28.02 -14.59 56.03
CA LYS A 180 -27.71 -15.54 57.10
C LYS A 180 -27.35 -14.82 58.40
N ALA A 181 -26.70 -13.67 58.26
CA ALA A 181 -26.30 -12.87 59.42
C ALA A 181 -27.41 -11.90 59.83
N GLY A 182 -28.60 -12.10 59.26
CA GLY A 182 -29.74 -11.28 59.59
C GLY A 182 -29.60 -9.83 59.18
N ASN A 183 -28.80 -9.58 58.16
CA ASN A 183 -28.58 -8.22 57.67
C ASN A 183 -29.13 -8.03 56.27
N GLU A 184 -30.45 -7.86 56.17
CA GLU A 184 -31.12 -7.69 54.89
C GLU A 184 -30.74 -6.39 54.19
N THR A 185 -30.25 -5.42 54.96
CA THR A 185 -29.85 -4.13 54.41
C THR A 185 -28.60 -4.27 53.53
N GLU A 186 -27.59 -4.96 54.05
CA GLU A 186 -26.34 -5.15 53.34
C GLU A 186 -26.51 -6.04 52.12
N ALA A 187 -27.49 -6.95 52.20
CA ALA A 187 -27.75 -7.90 51.11
C ALA A 187 -28.31 -7.21 49.87
N ALA A 188 -29.15 -6.21 50.08
CA ALA A 188 -29.83 -5.52 48.99
C ALA A 188 -28.88 -4.66 48.16
N LYS A 189 -27.74 -4.31 48.74
CA LYS A 189 -26.78 -3.42 48.08
C LYS A 189 -26.07 -4.08 46.91
N TRP A 190 -25.85 -5.39 47.00
CA TRP A 190 -25.13 -6.13 45.97
C TRP A 190 -26.01 -6.48 44.78
N ASN A 191 -25.70 -5.90 43.63
CA ASN A 191 -26.47 -6.16 42.41
C ASN A 191 -25.59 -6.31 41.17
N GLY A 192 -26.14 -6.94 40.14
CA GLY A 192 -25.41 -7.16 38.91
C GLY A 192 -26.28 -7.14 37.68
N ALA A 193 -25.84 -6.42 36.65
CA ALA A 193 -26.59 -6.34 35.40
C ALA A 193 -25.82 -7.01 34.26
N LEU A 194 -26.38 -8.09 33.73
CA LEU A 194 -25.76 -8.82 32.63
C LEU A 194 -26.34 -8.38 31.29
N LEU A 195 -25.79 -7.33 30.72
CA LEU A 195 -26.28 -6.80 29.45
C LEU A 195 -25.68 -7.54 28.26
N ARG A 196 -26.50 -8.32 27.57
CA ARG A 196 -26.06 -9.07 26.40
C ARG A 196 -26.23 -8.24 25.12
N TYR A 197 -25.15 -7.60 24.69
CA TYR A 197 -25.18 -6.78 23.49
C TYR A 197 -25.38 -7.67 22.27
N PHE A 198 -25.91 -7.08 21.20
CA PHE A 198 -26.00 -7.76 19.93
C PHE A 198 -25.01 -7.13 18.95
N ASN A 199 -25.51 -6.52 17.87
CA ASN A 199 -24.62 -5.90 16.91
C ASN A 199 -24.68 -4.38 16.91
N PRO A 200 -23.65 -3.73 17.46
CA PRO A 200 -23.57 -2.27 17.52
C PRO A 200 -23.17 -1.65 16.19
N ALA A 201 -23.58 -0.42 15.94
CA ALA A 201 -23.26 0.27 14.70
C ALA A 201 -23.43 1.78 14.84
N GLY A 202 -22.82 2.53 13.93
CA GLY A 202 -22.96 3.97 13.90
C GLY A 202 -21.94 4.71 14.76
N ALA A 203 -22.15 6.01 14.92
CA ALA A 203 -21.27 6.85 15.72
C ALA A 203 -22.04 8.05 16.26
N HIS A 204 -21.31 9.06 16.73
CA HIS A 204 -21.94 10.27 17.25
C HIS A 204 -22.34 11.20 16.10
N PRO A 205 -23.55 11.76 16.17
CA PRO A 205 -24.10 12.63 15.12
C PRO A 205 -23.27 13.89 14.88
N SER A 206 -22.45 14.29 15.84
CA SER A 206 -21.59 15.46 15.65
C SER A 206 -20.43 15.14 14.72
N GLY A 207 -20.11 13.86 14.60
CA GLY A 207 -19.06 13.41 13.70
C GLY A 207 -17.66 13.66 14.21
N ILE A 208 -17.53 13.84 15.52
CA ILE A 208 -16.23 14.07 16.13
C ILE A 208 -15.81 12.85 16.96
N MET A 209 -16.75 11.93 17.16
CA MET A 209 -16.48 10.73 17.96
C MET A 209 -17.04 9.49 17.27
N GLY A 210 -16.26 8.42 17.29
CA GLY A 210 -16.68 7.16 16.69
C GLY A 210 -15.79 6.00 17.12
N GLU A 211 -15.73 4.98 16.27
CA GLU A 211 -14.90 3.80 16.56
C GLU A 211 -13.54 3.91 15.88
N ASP A 212 -12.49 3.93 16.71
CA ASP A 212 -11.12 3.97 16.19
C ASP A 212 -10.26 2.95 16.92
N PRO A 213 -10.26 1.70 16.43
CA PRO A 213 -9.51 0.60 17.06
C PRO A 213 -8.10 0.46 16.51
N GLN A 214 -7.33 -0.47 17.08
CA GLN A 214 -6.02 -0.80 16.57
C GLN A 214 -6.11 -2.05 15.70
N GLY A 215 -5.16 -2.23 14.80
CA GLY A 215 -5.16 -3.38 13.92
C GLY A 215 -6.14 -3.25 12.77
N VAL A 216 -6.52 -4.37 12.17
CA VAL A 216 -7.40 -4.37 11.01
C VAL A 216 -8.83 -4.71 11.41
N PRO A 217 -9.80 -3.88 10.96
CA PRO A 217 -11.23 -4.11 11.22
C PRO A 217 -11.71 -5.44 10.64
N TYR A 218 -12.78 -5.99 11.22
CA TYR A 218 -13.30 -7.27 10.78
C TYR A 218 -14.83 -7.30 10.77
N ASN A 219 -15.45 -6.31 11.41
CA ASN A 219 -16.90 -6.21 11.43
C ASN A 219 -17.46 -5.70 10.11
N LEU A 220 -18.77 -5.88 9.91
CA LEU A 220 -19.40 -5.56 8.63
C LEU A 220 -19.34 -4.07 8.29
N LEU A 221 -19.90 -3.24 9.15
CA LEU A 221 -19.96 -1.80 8.91
C LEU A 221 -18.60 -1.08 8.78
N PRO A 222 -17.65 -1.37 9.69
CA PRO A 222 -16.33 -0.73 9.53
C PRO A 222 -15.66 -1.11 8.20
N LEU A 223 -15.87 -2.33 7.73
CA LEU A 223 -15.33 -2.75 6.44
C LEU A 223 -16.02 -2.04 5.28
N LEU A 224 -17.33 -1.85 5.40
CA LEU A 224 -18.08 -1.10 4.41
C LEU A 224 -17.62 0.35 4.37
N ALA A 225 -17.25 0.87 5.53
CA ALA A 225 -16.75 2.24 5.63
C ALA A 225 -15.40 2.38 4.93
N GLN A 226 -14.60 1.30 4.97
CA GLN A 226 -13.31 1.30 4.30
C GLN A 226 -13.45 1.20 2.79
N VAL A 227 -14.49 0.51 2.33
CA VAL A 227 -14.78 0.42 0.91
C VAL A 227 -15.19 1.79 0.37
N ALA A 228 -16.08 2.44 1.09
CA ALA A 228 -16.62 3.73 0.69
C ALA A 228 -15.60 4.85 0.81
N THR A 229 -14.49 4.59 1.48
CA THR A 229 -13.48 5.61 1.70
C THR A 229 -12.24 5.40 0.82
N GLY A 230 -12.11 4.20 0.26
CA GLY A 230 -11.02 3.91 -0.68
C GLY A 230 -9.96 2.95 -0.17
N LYS A 231 -9.98 2.66 1.12
CA LYS A 231 -9.00 1.75 1.72
C LYS A 231 -9.20 0.31 1.25
N ARG A 232 -10.46 -0.11 1.16
CA ARG A 232 -10.79 -1.43 0.66
C ARG A 232 -11.17 -1.36 -0.81
N GLU A 233 -11.00 -2.48 -1.52
CA GLU A 233 -11.38 -2.56 -2.92
C GLU A 233 -12.86 -2.89 -3.02
N LYS A 234 -13.30 -3.86 -2.22
CA LYS A 234 -14.70 -4.30 -2.21
C LYS A 234 -14.98 -5.06 -0.93
N LEU A 235 -16.23 -5.50 -0.76
CA LEU A 235 -16.62 -6.28 0.41
C LEU A 235 -16.79 -7.75 0.05
N LEU A 236 -16.43 -8.63 0.97
CA LEU A 236 -16.58 -10.06 0.76
C LEU A 236 -17.76 -10.62 1.57
N VAL A 237 -18.89 -10.82 0.91
CA VAL A 237 -20.08 -11.36 1.56
C VAL A 237 -19.88 -12.84 1.86
N PHE A 238 -20.03 -13.21 3.13
CA PHE A 238 -19.78 -14.58 3.58
C PHE A 238 -21.04 -15.45 3.47
N GLY A 239 -21.21 -16.08 2.31
CA GLY A 239 -22.33 -16.99 2.10
C GLY A 239 -23.57 -16.31 1.56
N ASP A 240 -24.18 -16.91 0.54
CA ASP A 240 -25.40 -16.38 -0.05
C ASP A 240 -26.44 -17.47 -0.19
N ASP A 241 -26.26 -18.55 0.57
CA ASP A 241 -27.16 -19.69 0.51
C ASP A 241 -27.91 -19.93 1.82
N TYR A 242 -27.96 -18.89 2.67
CA TYR A 242 -28.65 -19.01 3.95
C TYR A 242 -30.17 -19.05 3.78
N ALA A 243 -30.87 -19.39 4.86
CA ALA A 243 -32.32 -19.58 4.81
C ALA A 243 -33.10 -18.27 4.92
N SER A 244 -32.51 -17.18 4.45
CA SER A 244 -33.19 -15.90 4.39
C SER A 244 -33.87 -15.73 3.04
N HIS A 245 -34.43 -14.55 2.78
CA HIS A 245 -35.12 -14.30 1.52
C HIS A 245 -34.15 -13.99 0.38
N ASP A 246 -33.07 -13.29 0.69
CA ASP A 246 -32.05 -12.98 -0.33
C ASP A 246 -30.89 -13.97 -0.31
N GLY A 247 -30.68 -14.60 0.85
CA GLY A 247 -29.66 -15.63 0.97
C GLY A 247 -28.55 -15.33 1.97
N THR A 248 -28.57 -14.13 2.53
CA THR A 248 -27.53 -13.72 3.48
C THR A 248 -27.98 -13.84 4.93
N ALA A 249 -27.02 -13.91 5.85
CA ALA A 249 -27.31 -14.11 7.27
C ALA A 249 -28.05 -12.92 7.89
N ILE A 250 -28.67 -13.15 9.04
CA ILE A 250 -29.48 -12.13 9.70
C ILE A 250 -28.90 -11.72 11.06
N ARG A 251 -28.82 -10.42 11.30
CA ARG A 251 -28.33 -9.90 12.56
C ARG A 251 -29.22 -8.78 13.09
N ASP A 252 -29.00 -8.39 14.35
CA ASP A 252 -29.76 -7.30 14.97
C ASP A 252 -28.84 -6.10 15.19
N TYR A 253 -28.94 -5.11 14.30
CA TYR A 253 -28.07 -3.94 14.37
C TYR A 253 -28.70 -2.80 15.17
N ILE A 254 -28.06 -2.47 16.29
CA ILE A 254 -28.55 -1.42 17.19
C ILE A 254 -27.57 -0.25 17.24
N HIS A 255 -28.11 0.97 17.25
CA HIS A 255 -27.29 2.17 17.31
C HIS A 255 -26.51 2.24 18.61
N ILE A 256 -25.29 2.76 18.54
CA ILE A 256 -24.41 2.83 19.70
C ILE A 256 -24.96 3.75 20.80
N LEU A 257 -25.74 4.75 20.40
CA LEU A 257 -26.32 5.70 21.35
C LEU A 257 -27.41 5.05 22.19
N ASP A 258 -28.24 4.21 21.55
CA ASP A 258 -29.27 3.47 22.27
C ASP A 258 -28.63 2.37 23.10
N LEU A 259 -27.52 1.82 22.59
CA LEU A 259 -26.79 0.77 23.28
C LEU A 259 -26.15 1.28 24.57
N ALA A 260 -25.59 2.48 24.49
CA ALA A 260 -24.93 3.10 25.65
C ALA A 260 -25.95 3.61 26.66
N ASP A 261 -27.11 4.02 26.17
CA ASP A 261 -28.16 4.54 27.05
C ASP A 261 -28.81 3.42 27.85
N GLY A 262 -28.69 2.19 27.36
CA GLY A 262 -29.24 1.03 28.04
C GLY A 262 -28.55 0.75 29.36
N HIS A 263 -27.33 1.24 29.49
CA HIS A 263 -26.55 1.09 30.72
C HIS A 263 -27.11 1.98 31.81
N LEU A 264 -27.54 3.18 31.42
CA LEU A 264 -28.14 4.13 32.36
C LEU A 264 -29.44 3.58 32.94
N LYS A 265 -30.22 2.91 32.08
CA LYS A 265 -31.46 2.30 32.50
C LYS A 265 -31.21 1.13 33.43
N ALA A 266 -30.22 0.31 33.10
CA ALA A 266 -29.88 -0.85 33.90
C ALA A 266 -29.28 -0.46 35.25
N LEU A 267 -28.44 0.58 35.24
CA LEU A 267 -27.82 1.06 36.46
C LEU A 267 -28.85 1.63 37.42
N ASN A 268 -29.88 2.28 36.87
CA ASN A 268 -30.97 2.80 37.67
C ASN A 268 -31.83 1.69 38.26
N TYR A 269 -32.05 0.64 37.47
CA TYR A 269 -32.86 -0.48 37.89
C TYR A 269 -32.21 -1.25 39.03
N LEU A 270 -30.88 -1.18 39.09
CA LEU A 270 -30.13 -1.84 40.16
C LEU A 270 -30.18 -1.03 41.45
N ARG A 271 -30.06 0.29 41.32
CA ARG A 271 -30.13 1.18 42.48
C ARG A 271 -31.55 1.33 43.00
N ALA A 272 -32.53 0.88 42.23
CA ALA A 272 -33.94 1.01 42.60
C ALA A 272 -34.48 -0.28 43.22
N ASN A 273 -34.81 -1.24 42.36
CA ASN A 273 -35.44 -2.48 42.79
C ASN A 273 -34.51 -3.40 43.57
N ASN A 274 -33.21 -3.30 43.29
CA ASN A 274 -32.21 -4.21 43.84
C ASN A 274 -32.57 -5.69 43.65
N PRO A 275 -32.64 -6.13 42.38
CA PRO A 275 -33.09 -7.51 42.10
C PRO A 275 -31.95 -8.52 42.18
N GLY A 276 -30.74 -8.03 42.43
CA GLY A 276 -29.58 -8.89 42.47
C GLY A 276 -28.91 -9.03 41.12
N VAL A 277 -29.02 -10.21 40.52
CA VAL A 277 -28.44 -10.46 39.21
C VAL A 277 -29.53 -10.79 38.18
N ARG A 278 -29.49 -10.08 37.05
CA ARG A 278 -30.48 -10.30 35.99
C ARG A 278 -29.91 -9.91 34.63
N ALA A 279 -30.27 -10.66 33.59
CA ALA A 279 -29.77 -10.43 32.25
C ALA A 279 -30.78 -9.68 31.38
N TRP A 280 -30.27 -8.87 30.46
CA TRP A 280 -31.11 -8.12 29.53
C TRP A 280 -30.51 -8.07 28.13
N ASN A 281 -31.32 -8.33 27.13
CA ASN A 281 -30.89 -8.20 25.74
C ASN A 281 -30.95 -6.73 25.31
N LEU A 282 -29.91 -6.27 24.63
CA LEU A 282 -29.87 -4.89 24.16
C LEU A 282 -29.89 -4.84 22.63
N GLY A 283 -31.05 -5.15 22.06
CA GLY A 283 -31.22 -5.13 20.61
C GLY A 283 -32.42 -4.29 20.21
N THR A 284 -32.85 -4.44 18.96
CA THR A 284 -33.99 -3.68 18.45
C THR A 284 -35.16 -4.59 18.13
N GLY A 285 -34.86 -5.86 17.86
CA GLY A 285 -35.87 -6.83 17.48
C GLY A 285 -36.03 -6.89 15.97
N ARG A 286 -35.31 -6.01 15.28
CA ARG A 286 -35.36 -5.96 13.82
C ARG A 286 -34.23 -6.77 13.20
N GLY A 287 -34.58 -7.82 12.47
CA GLY A 287 -33.60 -8.64 11.77
C GLY A 287 -33.28 -8.08 10.41
N SER A 288 -31.98 -7.90 10.14
CA SER A 288 -31.54 -7.36 8.86
C SER A 288 -30.45 -8.21 8.21
N THR A 289 -30.63 -8.49 6.93
CA THR A 289 -29.68 -9.31 6.18
C THR A 289 -28.45 -8.48 5.78
N VAL A 290 -27.41 -9.17 5.31
CA VAL A 290 -26.17 -8.51 4.89
C VAL A 290 -26.43 -7.59 3.70
N TYR A 291 -27.19 -8.09 2.73
CA TYR A 291 -27.55 -7.32 1.54
C TYR A 291 -28.27 -6.03 1.88
N GLU A 292 -29.15 -6.11 2.88
CA GLU A 292 -29.90 -4.93 3.33
C GLU A 292 -28.98 -3.90 3.98
N MET A 293 -27.93 -4.37 4.64
CA MET A 293 -26.97 -3.48 5.29
C MET A 293 -26.07 -2.78 4.28
N ILE A 294 -25.61 -3.52 3.28
CA ILE A 294 -24.81 -2.95 2.20
C ILE A 294 -25.61 -1.87 1.49
N ARG A 295 -26.89 -2.15 1.27
CA ARG A 295 -27.78 -1.21 0.60
CA ARG A 295 -27.78 -1.21 0.60
C ARG A 295 -28.10 -0.01 1.49
N ALA A 296 -28.28 -0.26 2.79
CA ALA A 296 -28.57 0.80 3.74
C ALA A 296 -27.41 1.77 3.90
N PHE A 297 -26.19 1.25 3.90
CA PHE A 297 -25.00 2.08 4.07
C PHE A 297 -24.62 2.76 2.75
N SER A 298 -24.89 2.11 1.64
CA SER A 298 -24.64 2.69 0.32
C SER A 298 -25.52 3.91 0.13
N LYS A 299 -26.75 3.84 0.63
CA LYS A 299 -27.70 4.94 0.53
C LYS A 299 -27.24 6.11 1.39
N ALA A 300 -26.58 5.80 2.50
CA ALA A 300 -26.07 6.82 3.40
C ALA A 300 -24.86 7.54 2.80
N VAL A 301 -24.13 6.83 1.95
CA VAL A 301 -22.95 7.41 1.29
C VAL A 301 -23.35 8.12 0.00
N GLY A 302 -24.16 7.46 -0.80
CA GLY A 302 -24.61 8.02 -2.07
C GLY A 302 -24.53 7.01 -3.20
N ARG A 303 -23.36 6.40 -3.36
CA ARG A 303 -23.15 5.40 -4.39
C ARG A 303 -23.28 3.99 -3.83
N ASP A 304 -23.51 3.01 -4.70
CA ASP A 304 -23.62 1.62 -4.28
C ASP A 304 -22.24 0.95 -4.20
N LEU A 305 -21.91 0.44 -3.03
CA LEU A 305 -20.60 -0.16 -2.79
C LEU A 305 -20.47 -1.53 -3.45
N PRO A 306 -19.31 -1.80 -4.07
CA PRO A 306 -19.05 -3.07 -4.74
C PRO A 306 -18.85 -4.22 -3.76
N TYR A 307 -19.34 -5.40 -4.10
CA TYR A 307 -19.17 -6.58 -3.25
C TYR A 307 -19.00 -7.85 -4.08
N GLU A 308 -18.41 -8.87 -3.46
CA GLU A 308 -18.25 -10.17 -4.12
C GLU A 308 -18.61 -11.30 -3.16
N VAL A 309 -19.33 -12.29 -3.66
CA VAL A 309 -19.81 -13.39 -2.83
C VAL A 309 -18.72 -14.41 -2.51
N ALA A 310 -18.53 -14.68 -1.23
CA ALA A 310 -17.57 -15.67 -0.76
C ALA A 310 -18.31 -16.77 0.00
N PRO A 311 -17.68 -17.96 0.15
CA PRO A 311 -18.32 -19.03 0.92
C PRO A 311 -18.55 -18.65 2.39
N ARG A 312 -19.34 -19.44 3.10
CA ARG A 312 -19.69 -19.14 4.48
C ARG A 312 -18.48 -19.05 5.41
N ARG A 313 -18.55 -18.16 6.39
CA ARG A 313 -17.52 -18.06 7.41
C ARG A 313 -17.83 -19.02 8.54
N ALA A 314 -16.82 -19.76 8.98
CA ALA A 314 -16.99 -20.80 10.00
C ALA A 314 -17.47 -20.22 11.33
N GLY A 315 -18.54 -20.80 11.87
CA GLY A 315 -19.07 -20.38 13.16
C GLY A 315 -20.17 -19.34 13.07
N ASP A 316 -20.54 -18.96 11.85
CA ASP A 316 -21.58 -17.96 11.64
C ASP A 316 -22.97 -18.57 11.66
N VAL A 317 -23.81 -18.11 12.59
CA VAL A 317 -25.17 -18.63 12.73
C VAL A 317 -26.12 -17.99 11.72
N LEU A 318 -27.29 -18.59 11.57
CA LEU A 318 -28.29 -18.10 10.62
C LEU A 318 -28.90 -16.79 11.11
N ASN A 319 -29.51 -16.82 12.30
CA ASN A 319 -30.22 -15.65 12.81
C ASN A 319 -29.76 -15.26 14.22
N LEU A 320 -29.68 -13.96 14.46
CA LEU A 320 -29.34 -13.42 15.77
C LEU A 320 -30.24 -12.24 16.11
N THR A 321 -31.53 -12.37 15.84
CA THR A 321 -32.49 -11.32 16.15
C THR A 321 -32.81 -11.32 17.64
N SER A 322 -32.97 -10.13 18.21
CA SER A 322 -33.19 -9.99 19.65
C SER A 322 -34.68 -9.99 20.01
N ASN A 323 -34.97 -10.38 21.25
CA ASN A 323 -36.30 -10.27 21.81
C ASN A 323 -36.25 -9.33 23.00
N PRO A 324 -36.22 -8.02 22.75
CA PRO A 324 -35.96 -7.00 23.76
C PRO A 324 -37.17 -6.63 24.61
N THR A 325 -38.20 -7.47 24.60
CA THR A 325 -39.43 -7.19 25.36
C THR A 325 -39.17 -7.02 26.85
N ARG A 326 -38.23 -7.79 27.38
CA ARG A 326 -37.89 -7.71 28.80
C ARG A 326 -37.23 -6.36 29.13
N ALA A 327 -36.35 -5.90 28.26
CA ALA A 327 -35.64 -4.64 28.46
C ALA A 327 -36.58 -3.45 28.32
N ASN A 328 -37.61 -3.60 27.50
CA ASN A 328 -38.58 -2.52 27.28
C ASN A 328 -39.50 -2.31 28.47
N THR A 329 -39.91 -3.42 29.10
CA THR A 329 -40.87 -3.36 30.20
C THR A 329 -40.21 -3.11 31.55
N GLU A 330 -39.18 -3.88 31.85
CA GLU A 330 -38.51 -3.80 33.15
C GLU A 330 -37.62 -2.56 33.27
N LEU A 331 -36.75 -2.35 32.28
CA LEU A 331 -35.81 -1.24 32.32
C LEU A 331 -36.41 0.06 31.80
N GLY A 332 -37.47 -0.06 31.00
CA GLY A 332 -38.07 1.11 30.38
C GLY A 332 -37.16 1.67 29.31
N TRP A 333 -36.48 0.76 28.60
CA TRP A 333 -35.52 1.15 27.56
C TRP A 333 -35.98 0.67 26.19
N LYS A 334 -35.91 1.57 25.21
CA LYS A 334 -36.26 1.22 23.84
C LYS A 334 -35.28 1.86 22.85
N ALA A 335 -34.98 1.13 21.77
CA ALA A 335 -34.09 1.64 20.73
C ALA A 335 -34.75 2.80 19.98
N GLN A 336 -34.38 4.02 20.34
CA GLN A 336 -34.93 5.22 19.71
C GLN A 336 -34.46 5.37 18.27
N ARG A 337 -33.14 5.42 18.09
CA ARG A 337 -32.55 5.56 16.77
C ARG A 337 -32.79 4.32 15.92
N THR A 338 -32.77 4.49 14.60
CA THR A 338 -33.04 3.38 13.69
C THR A 338 -31.75 2.86 13.03
N LEU A 339 -31.90 1.85 12.19
CA LEU A 339 -30.78 1.23 11.49
C LEU A 339 -30.18 2.18 10.46
N GLU A 340 -31.03 2.76 9.64
CA GLU A 340 -30.60 3.70 8.61
C GLU A 340 -29.97 4.93 9.24
N GLN A 341 -30.51 5.32 10.39
CA GLN A 341 -30.03 6.49 11.12
C GLN A 341 -28.61 6.25 11.63
N ALA A 342 -28.25 4.98 11.78
CA ALA A 342 -26.91 4.62 12.24
C ALA A 342 -25.88 4.73 11.11
N CYS A 343 -26.29 4.36 9.90
CA CYS A 343 -25.39 4.44 8.74
C CYS A 343 -25.03 5.89 8.41
N GLU A 344 -25.97 6.79 8.67
CA GLU A 344 -25.78 8.20 8.33
C GLU A 344 -24.71 8.88 9.17
N ASP A 345 -24.75 8.68 10.48
CA ASP A 345 -23.74 9.26 11.37
C ASP A 345 -22.48 8.41 11.47
N LEU A 346 -22.52 7.20 10.94
CA LEU A 346 -21.33 6.38 10.81
C LEU A 346 -20.50 6.89 9.64
N TRP A 347 -21.16 7.09 8.51
CA TRP A 347 -20.53 7.64 7.33
C TRP A 347 -20.07 9.07 7.58
N LEU A 348 -20.81 9.78 8.42
CA LEU A 348 -20.45 11.13 8.81
C LEU A 348 -19.11 11.11 9.54
N TRP A 349 -18.93 10.13 10.41
CA TRP A 349 -17.71 9.97 11.18
C TRP A 349 -16.52 9.54 10.31
N THR A 350 -16.77 8.62 9.39
CA THR A 350 -15.71 8.08 8.54
C THR A 350 -15.26 9.08 7.46
N LYS A 351 -16.23 9.74 6.83
CA LYS A 351 -15.94 10.70 5.77
C LYS A 351 -15.10 11.88 6.26
N ASN A 352 -15.44 12.40 7.44
CA ASN A 352 -14.73 13.53 8.01
C ASN A 352 -13.46 13.11 8.75
N ASN A 353 -13.49 11.92 9.34
CA ASN A 353 -12.32 11.40 10.05
C ASN A 353 -11.90 10.03 9.52
N PRO A 354 -11.23 10.01 8.36
CA PRO A 354 -10.83 8.76 7.72
C PRO A 354 -9.70 8.06 8.46
N GLN A 355 -9.01 8.80 9.34
CA GLN A 355 -7.91 8.24 10.09
C GLN A 355 -8.14 8.25 11.60
N GLY A 356 -9.40 8.21 12.01
CA GLY A 356 -9.76 8.09 13.40
C GLY A 356 -9.28 9.22 14.30
N TYR A 357 -8.67 8.85 15.43
CA TYR A 357 -8.28 9.82 16.45
C TYR A 357 -6.86 10.33 16.29
N ARG A 358 -6.09 9.75 15.37
CA ARG A 358 -4.73 10.20 15.14
C ARG A 358 -4.69 11.38 14.17
N GLN A 359 -5.86 11.98 13.95
CA GLN A 359 -5.96 13.21 13.16
C GLN A 359 -6.87 14.19 13.90
N GLN A 360 -6.85 15.45 13.48
CA GLN A 360 -7.73 16.45 14.07
C GLN A 360 -8.93 16.68 13.16
N PRO A 361 -10.15 16.62 13.73
CA PRO A 361 -11.38 16.78 12.96
C PRO A 361 -11.49 18.14 12.29
N PRO A 362 -12.29 18.25 11.22
CA PRO A 362 -12.49 19.51 10.49
C PRO A 362 -13.12 20.59 11.37
N ALA A 363 -13.27 21.79 10.82
CA ALA A 363 -13.87 22.90 11.55
C ALA A 363 -15.32 22.61 11.90
N GLU A 364 -15.56 22.15 13.13
CA GLU A 364 -16.90 21.82 13.59
C GLU A 364 -17.34 22.76 14.70
N LEU A 365 -18.26 23.67 14.37
CA LEU A 365 -18.78 24.66 15.31
C LEU A 365 -17.68 25.52 15.91
N SER B 3 16.35 30.67 7.60
CA SER B 3 14.89 30.71 7.53
C SER B 3 14.37 30.13 6.23
N GLY B 4 15.09 29.14 5.71
CA GLY B 4 14.68 28.46 4.49
C GLY B 4 13.46 27.59 4.70
N SER B 5 12.77 27.27 3.62
CA SER B 5 11.57 26.42 3.72
C SER B 5 11.83 25.04 3.14
N VAL B 6 11.10 24.05 3.66
CA VAL B 6 11.26 22.66 3.23
C VAL B 6 9.94 21.90 3.34
N LEU B 7 9.54 21.21 2.28
CA LEU B 7 8.39 20.32 2.34
C LEU B 7 8.83 18.92 2.75
N VAL B 8 8.18 18.36 3.75
CA VAL B 8 8.51 17.01 4.21
C VAL B 8 7.33 16.06 4.09
N THR B 9 7.29 15.30 3.00
CA THR B 9 6.29 14.25 2.86
C THR B 9 6.59 13.19 3.89
N GLY B 10 5.55 12.50 4.37
CA GLY B 10 5.70 11.62 5.52
C GLY B 10 5.71 12.48 6.77
N GLY B 11 6.89 12.94 7.18
CA GLY B 11 6.99 13.91 8.25
C GLY B 11 6.50 13.47 9.61
N THR B 12 5.30 12.88 9.66
CA THR B 12 4.74 12.39 10.92
C THR B 12 5.19 10.96 11.20
N GLY B 13 5.88 10.36 10.23
CA GLY B 13 6.37 9.00 10.37
C GLY B 13 7.59 8.90 11.27
N TYR B 14 8.23 7.73 11.29
CA TYR B 14 9.38 7.49 12.16
C TYR B 14 10.54 8.42 11.81
N ILE B 15 11.22 8.13 10.70
CA ILE B 15 12.36 8.92 10.26
C ILE B 15 11.93 10.34 9.93
N GLY B 16 10.69 10.50 9.48
CA GLY B 16 10.15 11.79 9.15
C GLY B 16 10.09 12.74 10.34
N SER B 17 9.59 12.25 11.46
CA SER B 17 9.41 13.08 12.66
C SER B 17 10.72 13.64 13.20
N PHE B 18 11.76 12.82 13.23
CA PHE B 18 13.04 13.26 13.75
C PHE B 18 13.77 14.16 12.77
N THR B 19 13.44 14.02 11.49
CA THR B 19 14.02 14.87 10.45
C THR B 19 13.41 16.26 10.49
N THR B 20 12.09 16.35 10.58
CA THR B 20 11.41 17.63 10.68
C THR B 20 11.65 18.29 12.03
N LEU B 21 12.14 17.51 12.98
CA LEU B 21 12.53 18.05 14.29
C LEU B 21 13.86 18.78 14.16
N ALA B 22 14.81 18.15 13.47
CA ALA B 22 16.13 18.73 13.26
C ALA B 22 16.07 19.94 12.34
N LEU B 23 15.12 19.94 11.41
CA LEU B 23 14.94 21.05 10.49
C LEU B 23 14.47 22.30 11.22
N LEU B 24 13.47 22.15 12.07
CA LEU B 24 12.94 23.27 12.85
C LEU B 24 13.99 23.85 13.79
N GLU B 25 14.79 22.98 14.37
CA GLU B 25 15.86 23.41 15.28
C GLU B 25 16.98 24.11 14.52
N ALA B 26 17.07 23.86 13.23
CA ALA B 26 18.07 24.49 12.39
C ALA B 26 17.59 25.84 11.88
N GLY B 27 16.32 26.15 12.15
CA GLY B 27 15.75 27.43 11.76
C GLY B 27 14.89 27.37 10.51
N TYR B 28 14.74 26.18 9.95
CA TYR B 28 13.95 26.00 8.73
C TYR B 28 12.46 26.22 8.98
N LYS B 29 11.74 26.50 7.89
CA LYS B 29 10.28 26.51 7.92
C LYS B 29 9.81 25.19 7.32
N VAL B 30 9.07 24.40 8.09
CA VAL B 30 8.70 23.07 7.65
C VAL B 30 7.20 22.88 7.46
N VAL B 31 6.83 22.38 6.28
CA VAL B 31 5.45 21.97 6.01
C VAL B 31 5.41 20.45 5.86
N VAL B 32 4.66 19.80 6.72
CA VAL B 32 4.59 18.34 6.72
C VAL B 32 3.37 17.83 5.96
N ALA B 33 3.60 16.89 5.05
CA ALA B 33 2.52 16.28 4.29
C ALA B 33 2.42 14.78 4.61
N ASP B 34 1.24 14.36 5.08
CA ASP B 34 1.01 12.95 5.39
C ASP B 34 -0.48 12.65 5.43
N ASN B 35 -0.85 11.46 4.96
CA ASN B 35 -2.23 11.01 5.02
C ASN B 35 -2.50 10.24 6.31
N LEU B 36 -1.47 10.16 7.15
CA LEU B 36 -1.55 9.49 8.45
C LEU B 36 -1.94 8.01 8.34
N TYR B 37 -1.37 7.33 7.36
CA TYR B 37 -1.63 5.91 7.16
C TYR B 37 -0.91 5.05 8.19
N ASN B 38 0.34 5.39 8.46
CA ASN B 38 1.17 4.59 9.37
C ASN B 38 1.79 5.43 10.49
N SER B 39 1.12 6.52 10.85
CA SER B 39 1.61 7.41 11.90
C SER B 39 0.51 8.30 12.46
N SER B 40 0.81 8.97 13.56
CA SER B 40 -0.15 9.87 14.20
C SER B 40 0.29 11.33 14.08
N ALA B 41 -0.68 12.23 14.10
CA ALA B 41 -0.38 13.66 14.00
C ALA B 41 0.13 14.22 15.32
N GLU B 42 0.02 13.41 16.37
CA GLU B 42 0.48 13.79 17.71
C GLU B 42 1.99 14.03 17.73
N ALA B 43 2.71 13.37 16.82
CA ALA B 43 4.16 13.50 16.74
C ALA B 43 4.61 14.95 16.56
N LEU B 44 3.77 15.75 15.90
CA LEU B 44 4.07 17.16 15.69
C LEU B 44 3.99 17.94 16.99
N ASN B 45 3.05 17.58 17.85
CA ASN B 45 2.90 18.21 19.15
C ASN B 45 4.10 17.92 20.04
N ARG B 46 4.67 16.73 19.88
CA ARG B 46 5.85 16.33 20.63
C ARG B 46 7.06 17.13 20.17
N ILE B 47 7.08 17.48 18.89
CA ILE B 47 8.13 18.32 18.33
C ILE B 47 8.06 19.73 18.92
N GLU B 48 6.85 20.25 19.05
CA GLU B 48 6.64 21.57 19.63
C GLU B 48 7.08 21.61 21.09
N LEU B 49 6.87 20.52 21.81
CA LEU B 49 7.25 20.44 23.22
C LEU B 49 8.77 20.35 23.38
N ILE B 50 9.45 19.87 22.34
CA ILE B 50 10.90 19.73 22.39
C ILE B 50 11.62 20.97 21.83
N SER B 51 11.27 21.34 20.60
CA SER B 51 11.95 22.43 19.91
C SER B 51 11.40 23.81 20.28
N GLY B 52 10.10 23.87 20.55
CA GLY B 52 9.44 25.14 20.81
C GLY B 52 8.78 25.65 19.56
N LYS B 53 9.29 25.21 18.41
CA LYS B 53 8.73 25.57 17.12
C LYS B 53 7.82 24.45 16.62
N LYS B 54 6.84 24.80 15.80
CA LYS B 54 5.92 23.81 15.26
C LYS B 54 5.85 23.90 13.73
N ALA B 55 5.77 22.73 13.09
CA ALA B 55 5.69 22.66 11.63
C ALA B 55 4.24 22.63 11.17
N GLU B 56 3.96 23.31 10.06
CA GLU B 56 2.62 23.32 9.49
C GLU B 56 2.28 21.95 8.92
N PHE B 57 1.04 21.52 9.13
CA PHE B 57 0.63 20.19 8.69
C PHE B 57 -0.40 20.24 7.56
N ALA B 58 -0.25 19.35 6.60
CA ALA B 58 -1.17 19.24 5.49
C ALA B 58 -1.52 17.77 5.24
N GLN B 59 -2.74 17.39 5.58
CA GLN B 59 -3.18 16.01 5.42
C GLN B 59 -3.65 15.73 4.00
N LEU B 60 -2.82 15.01 3.24
CA LEU B 60 -3.13 14.70 1.85
C LEU B 60 -2.41 13.44 1.38
N ASP B 61 -2.98 12.79 0.35
CA ASP B 61 -2.37 11.59 -0.22
C ASP B 61 -1.27 11.99 -1.20
N VAL B 62 -0.15 11.27 -1.16
CA VAL B 62 1.00 11.58 -1.99
C VAL B 62 0.72 11.23 -3.45
N THR B 63 -0.35 10.47 -3.68
CA THR B 63 -0.75 10.10 -5.04
C THR B 63 -1.76 11.09 -5.59
N ASP B 64 -1.99 12.18 -4.85
CA ASP B 64 -2.91 13.23 -5.29
C ASP B 64 -2.12 14.44 -5.76
N GLU B 65 -1.88 14.51 -7.08
CA GLU B 65 -1.06 15.56 -7.67
C GLU B 65 -1.66 16.95 -7.46
N ALA B 66 -2.99 17.03 -7.40
CA ALA B 66 -3.67 18.30 -7.15
C ALA B 66 -3.38 18.83 -5.75
N ALA B 67 -3.27 17.92 -4.80
CA ALA B 67 -2.98 18.30 -3.41
C ALA B 67 -1.58 18.89 -3.27
N PHE B 68 -0.63 18.36 -4.04
CA PHE B 68 0.74 18.87 -4.03
C PHE B 68 0.80 20.28 -4.61
N ASP B 69 -0.09 20.57 -5.55
CA ASP B 69 -0.15 21.89 -6.15
C ASP B 69 -0.65 22.93 -5.15
N LYS B 70 -1.66 22.57 -4.38
CA LYS B 70 -2.26 23.48 -3.41
C LYS B 70 -1.27 23.86 -2.30
N VAL B 71 -0.33 22.97 -2.03
CA VAL B 71 0.71 23.24 -1.04
C VAL B 71 1.71 24.27 -1.56
N PHE B 72 2.20 24.04 -2.77
CA PHE B 72 3.17 24.93 -3.39
C PHE B 72 2.59 26.30 -3.70
N GLU B 73 1.30 26.33 -4.00
CA GLU B 73 0.60 27.60 -4.28
C GLU B 73 0.35 28.38 -3.00
N ALA B 74 0.24 27.66 -1.88
CA ALA B 74 0.05 28.28 -0.58
C ALA B 74 1.40 28.62 0.06
N HIS B 75 2.44 27.93 -0.40
CA HIS B 75 3.79 28.17 0.08
C HIS B 75 4.77 28.22 -1.10
N PRO B 76 4.86 29.37 -1.77
CA PRO B 76 5.67 29.52 -2.99
C PRO B 76 7.17 29.64 -2.70
N ASP B 77 7.54 29.60 -1.43
CA ASP B 77 8.93 29.79 -1.03
C ASP B 77 9.57 28.51 -0.52
N ILE B 78 8.95 27.37 -0.80
CA ILE B 78 9.45 26.08 -0.32
C ILE B 78 10.80 25.70 -0.91
N ASP B 79 10.86 25.56 -2.23
CA ASP B 79 12.11 25.30 -2.96
C ASP B 79 12.80 23.95 -2.70
N SER B 80 12.50 23.32 -1.57
CA SER B 80 13.13 22.04 -1.22
C SER B 80 12.12 21.03 -0.67
N VAL B 81 12.25 19.77 -1.07
CA VAL B 81 11.34 18.73 -0.63
C VAL B 81 12.09 17.48 -0.15
N ILE B 82 11.78 17.02 1.06
CA ILE B 82 12.31 15.75 1.55
C ILE B 82 11.23 14.69 1.42
N HIS B 83 11.52 13.61 0.70
CA HIS B 83 10.52 12.62 0.35
C HIS B 83 10.59 11.35 1.19
N PHE B 84 9.74 11.25 2.21
CA PHE B 84 9.67 10.06 3.06
C PHE B 84 8.47 9.19 2.73
N ALA B 85 7.38 9.81 2.29
CA ALA B 85 6.11 9.12 2.08
C ALA B 85 6.21 7.87 1.20
N ALA B 86 6.10 6.71 1.82
CA ALA B 86 6.17 5.42 1.13
C ALA B 86 5.68 4.28 2.01
N LEU B 87 5.55 3.10 1.42
CA LEU B 87 5.28 1.88 2.17
C LEU B 87 6.59 1.10 2.29
N LYS B 88 6.89 0.61 3.49
CA LYS B 88 8.22 0.09 3.77
C LYS B 88 8.29 -1.41 4.10
N ALA B 89 7.15 -2.04 4.33
CA ALA B 89 7.13 -3.46 4.69
C ALA B 89 7.58 -4.35 3.54
N VAL B 90 8.71 -5.02 3.73
CA VAL B 90 9.28 -5.89 2.69
C VAL B 90 8.40 -7.10 2.38
N GLY B 91 8.03 -7.82 3.44
CA GLY B 91 7.19 -9.01 3.28
C GLY B 91 5.84 -8.71 2.68
N GLU B 92 5.24 -7.60 3.11
CA GLU B 92 3.94 -7.18 2.60
C GLU B 92 4.00 -6.80 1.14
N SER B 93 5.16 -6.30 0.70
CA SER B 93 5.34 -5.91 -0.69
C SER B 93 5.29 -7.11 -1.62
N GLY B 94 5.59 -8.29 -1.07
CA GLY B 94 5.57 -9.52 -1.84
C GLY B 94 4.18 -10.08 -2.04
N GLU B 95 3.19 -9.51 -1.35
CA GLU B 95 1.82 -9.98 -1.47
C GLU B 95 0.86 -8.90 -1.98
N LYS B 96 1.29 -7.64 -1.93
CA LYS B 96 0.52 -6.55 -2.53
C LYS B 96 1.43 -5.49 -3.18
N PRO B 97 2.17 -5.87 -4.22
CA PRO B 97 3.15 -4.97 -4.85
C PRO B 97 2.53 -3.80 -5.59
N LEU B 98 1.30 -3.96 -6.09
CA LEU B 98 0.62 -2.89 -6.82
C LEU B 98 0.45 -1.63 -5.97
N ASP B 99 0.12 -1.81 -4.70
CA ASP B 99 -0.04 -0.69 -3.78
C ASP B 99 1.29 0.01 -3.55
N TYR B 100 2.37 -0.77 -3.56
CA TYR B 100 3.71 -0.21 -3.38
C TYR B 100 4.14 0.61 -4.61
N TYR B 101 3.90 0.06 -5.79
CA TYR B 101 4.21 0.78 -7.02
C TYR B 101 3.33 2.02 -7.18
N HIS B 102 2.11 1.95 -6.66
CA HIS B 102 1.17 3.06 -6.77
C HIS B 102 1.52 4.19 -5.80
N VAL B 103 1.96 3.81 -4.60
CA VAL B 103 2.31 4.80 -3.58
C VAL B 103 3.74 5.31 -3.71
N ASN B 104 4.69 4.39 -3.76
CA ASN B 104 6.11 4.77 -3.83
C ASN B 104 6.49 5.40 -5.17
N VAL B 105 6.30 4.66 -6.26
CA VAL B 105 6.71 5.12 -7.57
C VAL B 105 5.84 6.27 -8.11
N TYR B 106 4.53 6.02 -8.21
CA TYR B 106 3.61 7.02 -8.74
C TYR B 106 3.48 8.24 -7.83
N GLY B 107 3.56 8.02 -6.53
CA GLY B 107 3.54 9.12 -5.57
C GLY B 107 4.70 10.06 -5.77
N THR B 108 5.85 9.50 -6.15
CA THR B 108 7.03 10.28 -6.45
C THR B 108 6.85 11.01 -7.77
N ILE B 109 6.19 10.35 -8.72
CA ILE B 109 5.91 10.94 -10.03
C ILE B 109 5.03 12.18 -9.87
N CYS B 110 4.00 12.06 -9.04
CA CYS B 110 3.13 13.20 -8.74
C CYS B 110 3.92 14.35 -8.12
N LEU B 111 4.84 14.00 -7.22
CA LEU B 111 5.67 14.99 -6.55
C LEU B 111 6.54 15.75 -7.55
N LEU B 112 7.28 15.01 -8.36
CA LEU B 112 8.19 15.60 -9.34
C LEU B 112 7.44 16.46 -10.35
N ARG B 113 6.26 15.99 -10.78
CA ARG B 113 5.44 16.74 -11.72
C ARG B 113 4.98 18.07 -11.13
N SER B 114 4.71 18.07 -9.83
CA SER B 114 4.26 19.27 -9.14
C SER B 114 5.44 20.18 -8.82
N MET B 115 6.61 19.57 -8.59
CA MET B 115 7.82 20.31 -8.30
C MET B 115 8.27 21.15 -9.50
N VAL B 116 8.35 20.51 -10.67
CA VAL B 116 8.71 21.18 -11.91
C VAL B 116 7.72 22.29 -12.23
N ARG B 117 6.44 22.01 -11.98
CA ARG B 117 5.35 22.95 -12.25
C ARG B 117 5.46 24.22 -11.39
N HIS B 118 5.99 24.08 -10.18
CA HIS B 118 6.07 25.21 -9.26
C HIS B 118 7.51 25.63 -8.94
N ASN B 119 8.45 25.15 -9.75
CA ASN B 119 9.85 25.56 -9.66
C ASN B 119 10.58 25.29 -8.33
N VAL B 120 10.19 24.21 -7.65
CA VAL B 120 10.99 23.71 -6.53
C VAL B 120 11.98 22.69 -7.09
N THR B 121 13.27 22.91 -6.83
CA THR B 121 14.31 22.22 -7.58
C THR B 121 15.17 21.24 -6.77
N ASN B 122 15.04 21.27 -5.45
CA ASN B 122 15.83 20.38 -4.60
C ASN B 122 15.01 19.28 -3.94
N ILE B 123 15.41 18.04 -4.16
CA ILE B 123 14.72 16.90 -3.57
C ILE B 123 15.69 15.95 -2.86
N VAL B 124 15.30 15.48 -1.69
CA VAL B 124 16.05 14.48 -0.95
C VAL B 124 15.20 13.22 -0.81
N PHE B 125 15.57 12.18 -1.55
CA PHE B 125 14.77 10.96 -1.58
C PHE B 125 15.22 9.94 -0.53
N SER B 126 14.25 9.27 0.08
CA SER B 126 14.52 8.28 1.11
C SER B 126 14.69 6.90 0.49
N SER B 127 15.90 6.63 0.00
CA SER B 127 16.22 5.32 -0.56
C SER B 127 16.57 4.34 0.56
N SER B 128 16.65 3.06 0.22
CA SER B 128 16.98 2.03 1.21
C SER B 128 18.22 1.26 0.79
N ALA B 129 18.77 0.49 1.74
CA ALA B 129 19.94 -0.33 1.45
C ALA B 129 19.54 -1.64 0.78
N THR B 130 18.24 -1.84 0.63
CA THR B 130 17.72 -3.06 0.01
C THR B 130 17.88 -3.04 -1.51
N VAL B 131 18.37 -1.94 -2.04
CA VAL B 131 18.58 -1.80 -3.48
C VAL B 131 19.86 -2.50 -3.91
N TYR B 132 20.73 -2.78 -2.95
CA TYR B 132 21.99 -3.45 -3.22
C TYR B 132 21.80 -4.96 -3.38
N GLY B 133 20.69 -5.46 -2.85
CA GLY B 133 20.42 -6.89 -2.85
C GLY B 133 21.43 -7.60 -1.96
N ASP B 134 21.92 -8.75 -2.42
CA ASP B 134 22.95 -9.48 -1.69
C ASP B 134 24.32 -9.12 -2.25
N ALA B 135 25.15 -8.48 -1.42
CA ALA B 135 26.46 -8.00 -1.87
C ALA B 135 27.53 -9.09 -1.83
N THR B 136 27.16 -10.29 -1.38
CA THR B 136 28.11 -11.38 -1.27
C THR B 136 28.35 -12.08 -2.61
N ARG B 137 27.60 -11.66 -3.62
CA ARG B 137 27.76 -12.20 -4.97
C ARG B 137 28.94 -11.52 -5.67
N PHE B 138 29.49 -10.49 -5.02
CA PHE B 138 30.60 -9.73 -5.58
C PHE B 138 31.82 -9.79 -4.67
N PRO B 139 33.00 -9.98 -5.26
CA PRO B 139 34.27 -10.00 -4.50
C PRO B 139 34.60 -8.62 -3.95
N ASP B 140 34.92 -8.56 -2.65
CA ASP B 140 35.32 -7.32 -1.98
C ASP B 140 34.29 -6.21 -2.11
N MET B 141 33.04 -6.51 -1.74
CA MET B 141 31.97 -5.52 -1.80
C MET B 141 31.37 -5.29 -0.41
N ILE B 142 31.90 -5.98 0.59
CA ILE B 142 31.50 -5.75 1.97
C ILE B 142 32.67 -5.14 2.76
N PRO B 143 32.45 -3.99 3.41
CA PRO B 143 31.20 -3.22 3.52
C PRO B 143 30.77 -2.58 2.20
N ILE B 144 29.47 -2.29 2.09
CA ILE B 144 28.87 -1.89 0.82
C ILE B 144 29.04 -0.41 0.49
N PRO B 145 29.76 -0.12 -0.61
CA PRO B 145 29.96 1.24 -1.11
C PRO B 145 28.78 1.67 -1.99
N GLU B 146 28.74 2.95 -2.36
CA GLU B 146 27.66 3.46 -3.19
C GLU B 146 27.78 3.01 -4.64
N HIS B 147 28.98 2.64 -5.06
CA HIS B 147 29.21 2.23 -6.44
C HIS B 147 28.95 0.75 -6.66
N CYS B 148 28.27 0.12 -5.70
CA CYS B 148 27.85 -1.26 -5.83
C CYS B 148 26.66 -1.36 -6.77
N PRO B 149 26.77 -2.21 -7.81
CA PRO B 149 25.69 -2.40 -8.78
C PRO B 149 24.40 -2.87 -8.11
N LEU B 150 23.32 -2.11 -8.32
CA LEU B 150 22.06 -2.36 -7.65
C LEU B 150 21.33 -3.58 -8.21
N GLY B 151 20.58 -4.26 -7.36
CA GLY B 151 19.80 -5.42 -7.76
C GLY B 151 18.94 -5.96 -6.64
N PRO B 152 17.79 -5.32 -6.40
CA PRO B 152 16.86 -5.71 -5.32
C PRO B 152 16.28 -7.10 -5.53
N THR B 153 15.79 -7.71 -4.46
CA THR B 153 15.23 -9.07 -4.54
C THR B 153 13.75 -9.10 -4.13
N ASN B 154 13.19 -7.93 -3.87
CA ASN B 154 11.79 -7.82 -3.49
C ASN B 154 11.14 -6.56 -4.08
N PRO B 155 9.82 -6.60 -4.31
CA PRO B 155 9.06 -5.48 -4.88
C PRO B 155 9.35 -4.13 -4.22
N TYR B 156 9.56 -4.11 -2.91
CA TYR B 156 9.87 -2.86 -2.21
C TYR B 156 11.19 -2.26 -2.69
N GLY B 157 12.20 -3.11 -2.86
CA GLY B 157 13.49 -2.67 -3.35
C GLY B 157 13.40 -2.20 -4.79
N ASN B 158 12.56 -2.87 -5.57
CA ASN B 158 12.33 -2.49 -6.96
C ASN B 158 11.71 -1.11 -7.09
N THR B 159 10.79 -0.78 -6.18
CA THR B 159 10.16 0.53 -6.18
C THR B 159 11.20 1.62 -5.94
N LYS B 160 12.04 1.42 -4.93
CA LYS B 160 13.13 2.34 -4.62
C LYS B 160 14.09 2.46 -5.79
N PHE B 161 14.34 1.33 -6.45
CA PHE B 161 15.25 1.29 -7.60
C PHE B 161 14.69 2.10 -8.75
N ALA B 162 13.39 1.97 -8.99
CA ALA B 162 12.72 2.69 -10.08
C ALA B 162 12.71 4.19 -9.83
N ILE B 163 12.51 4.58 -8.58
CA ILE B 163 12.46 6.00 -8.22
C ILE B 163 13.81 6.67 -8.40
N GLU B 164 14.88 6.01 -7.94
CA GLU B 164 16.24 6.53 -8.09
C GLU B 164 16.55 6.85 -9.55
N LEU B 165 16.20 5.92 -10.43
CA LEU B 165 16.37 6.12 -11.86
C LEU B 165 15.50 7.27 -12.35
N ALA B 166 14.30 7.39 -11.77
CA ALA B 166 13.39 8.47 -12.13
C ALA B 166 13.92 9.82 -11.65
N ILE B 167 14.44 9.86 -10.43
CA ILE B 167 15.01 11.08 -9.86
C ILE B 167 16.18 11.58 -10.71
N THR B 168 17.06 10.66 -11.10
CA THR B 168 18.22 11.00 -11.92
C THR B 168 17.83 11.55 -13.29
N ASP B 169 16.93 10.83 -13.97
CA ASP B 169 16.51 11.23 -15.31
C ASP B 169 15.81 12.58 -15.35
N VAL B 170 14.88 12.79 -14.42
CA VAL B 170 14.10 14.02 -14.37
C VAL B 170 14.97 15.25 -14.10
N ILE B 171 15.80 15.16 -13.06
CA ILE B 171 16.65 16.28 -12.67
C ILE B 171 17.73 16.60 -13.70
N ASN B 172 18.40 15.58 -14.22
CA ASN B 172 19.43 15.77 -15.24
C ASN B 172 18.87 16.44 -16.49
N ALA B 173 17.61 16.16 -16.81
CA ALA B 173 16.96 16.78 -17.95
C ALA B 173 16.77 18.28 -17.72
N GLN B 174 16.37 18.64 -16.50
CA GLN B 174 16.19 20.03 -16.13
C GLN B 174 17.51 20.80 -16.24
N ARG B 175 18.60 20.12 -15.91
CA ARG B 175 19.92 20.73 -15.99
C ARG B 175 20.41 20.80 -17.43
N ASN B 176 20.19 19.73 -18.19
CA ASN B 176 20.61 19.67 -19.59
C ASN B 176 19.83 20.60 -20.50
N ASN B 177 18.52 20.71 -20.26
CA ASN B 177 17.67 21.59 -21.05
C ASN B 177 17.99 23.07 -20.81
N ALA B 178 18.62 23.35 -19.68
CA ALA B 178 19.04 24.71 -19.35
C ALA B 178 20.43 24.99 -19.91
N LYS B 179 21.22 23.94 -20.07
CA LYS B 179 22.54 24.07 -20.67
C LYS B 179 22.43 24.32 -22.17
N LYS B 180 21.48 23.64 -22.81
CA LYS B 180 21.23 23.83 -24.23
C LYS B 180 20.73 25.24 -24.51
N ALA B 181 19.98 25.79 -23.56
CA ALA B 181 19.46 27.15 -23.69
C ALA B 181 20.49 28.18 -23.27
N GLY B 182 21.65 27.72 -22.84
CA GLY B 182 22.72 28.61 -22.43
C GLY B 182 22.52 29.21 -21.06
N ASN B 183 21.53 28.70 -20.33
CA ASN B 183 21.21 29.18 -18.99
C ASN B 183 21.86 28.29 -17.93
N GLU B 184 23.14 28.52 -17.67
CA GLU B 184 23.89 27.73 -16.69
C GLU B 184 23.43 28.01 -15.26
N THR B 185 22.78 29.15 -15.06
CA THR B 185 22.29 29.51 -13.73
C THR B 185 21.08 28.67 -13.33
N GLU B 186 20.13 28.53 -14.25
CA GLU B 186 18.91 27.77 -13.99
C GLU B 186 19.23 26.28 -13.84
N ALA B 187 20.25 25.81 -14.54
CA ALA B 187 20.66 24.42 -14.50
C ALA B 187 21.18 24.00 -13.13
N ALA B 188 21.94 24.89 -12.50
CA ALA B 188 22.59 24.60 -11.23
C ALA B 188 21.61 24.47 -10.07
N LYS B 189 20.43 25.05 -10.23
CA LYS B 189 19.43 25.05 -9.16
C LYS B 189 18.85 23.66 -8.91
N TRP B 190 18.77 22.85 -9.96
CA TRP B 190 18.18 21.52 -9.87
C TRP B 190 19.16 20.50 -9.29
N ASN B 191 18.81 19.94 -8.13
CA ASN B 191 19.64 18.94 -7.47
C ASN B 191 18.83 17.84 -6.83
N GLY B 192 19.49 16.72 -6.53
CA GLY B 192 18.83 15.57 -5.92
C GLY B 192 19.74 14.74 -5.05
N ALA B 193 19.24 14.41 -3.86
CA ALA B 193 20.01 13.58 -2.92
C ALA B 193 19.35 12.22 -2.72
N LEU B 194 20.08 11.16 -3.08
CA LEU B 194 19.57 9.82 -2.93
C LEU B 194 20.15 9.16 -1.68
N LEU B 195 19.52 9.40 -0.54
CA LEU B 195 20.00 8.87 0.73
C LEU B 195 19.53 7.43 0.96
N ARG B 196 20.47 6.49 0.86
CA ARG B 196 20.17 5.09 1.10
C ARG B 196 20.34 4.74 2.57
N TYR B 197 19.24 4.71 3.31
CA TYR B 197 19.29 4.37 4.73
C TYR B 197 19.63 2.90 4.89
N PHE B 198 19.98 2.51 6.10
CA PHE B 198 20.23 1.10 6.40
C PHE B 198 19.25 0.59 7.45
N ASN B 199 19.69 0.52 8.71
CA ASN B 199 18.82 0.07 9.78
C ASN B 199 18.72 1.09 10.91
N PRO B 200 17.65 1.89 10.91
CA PRO B 200 17.42 2.90 11.96
C PRO B 200 16.99 2.25 13.26
N ALA B 201 17.32 2.89 14.38
CA ALA B 201 16.97 2.37 15.70
C ALA B 201 16.98 3.46 16.76
N GLY B 202 16.32 3.19 17.88
CA GLY B 202 16.30 4.12 19.00
C GLY B 202 15.20 5.16 18.91
N ALA B 203 15.21 6.09 19.86
CA ALA B 203 14.23 7.17 19.89
C ALA B 203 14.88 8.44 20.44
N HIS B 204 14.05 9.41 20.83
CA HIS B 204 14.54 10.66 21.38
C HIS B 204 14.92 10.47 22.85
N PRO B 205 16.07 11.03 23.25
CA PRO B 205 16.58 10.90 24.63
C PRO B 205 15.65 11.54 25.67
N SER B 206 14.71 12.36 25.23
CA SER B 206 13.73 12.96 26.13
C SER B 206 12.69 11.93 26.56
N GLY B 207 12.43 10.95 25.69
CA GLY B 207 11.47 9.90 25.98
C GLY B 207 10.04 10.31 25.69
N ILE B 208 9.88 11.45 25.04
CA ILE B 208 8.55 11.95 24.69
C ILE B 208 8.26 11.71 23.22
N MET B 209 9.26 11.24 22.48
CA MET B 209 9.12 11.00 21.05
C MET B 209 9.80 9.71 20.64
N GLY B 210 9.12 8.92 19.81
CA GLY B 210 9.67 7.67 19.32
C GLY B 210 8.90 7.14 18.12
N GLU B 211 8.97 5.84 17.91
CA GLU B 211 8.26 5.20 16.80
C GLU B 211 6.92 4.65 17.24
N ASP B 212 5.85 5.08 16.57
CA ASP B 212 4.51 4.60 16.87
C ASP B 212 3.72 4.40 15.58
N PRO B 213 3.89 3.24 14.94
CA PRO B 213 3.23 2.93 13.67
C PRO B 213 1.86 2.30 13.86
N GLN B 214 1.21 1.96 12.75
CA GLN B 214 -0.06 1.25 12.79
C GLN B 214 0.15 -0.23 12.49
N GLY B 215 -0.81 -1.05 12.89
CA GLY B 215 -0.71 -2.49 12.65
C GLY B 215 0.26 -3.16 13.60
N VAL B 216 0.89 -4.23 13.13
CA VAL B 216 1.80 -5.00 13.98
C VAL B 216 3.25 -4.80 13.54
N PRO B 217 4.14 -4.49 14.50
CA PRO B 217 5.57 -4.31 14.23
C PRO B 217 6.22 -5.58 13.67
N TYR B 218 7.34 -5.43 12.98
CA TYR B 218 8.02 -6.57 12.37
C TYR B 218 9.54 -6.44 12.47
N ASN B 219 10.01 -5.21 12.68
CA ASN B 219 11.45 -4.97 12.81
C ASN B 219 12.00 -5.54 14.11
N LEU B 220 13.31 -5.78 14.13
CA LEU B 220 13.97 -6.44 15.25
C LEU B 220 13.80 -5.71 16.58
N LEU B 221 14.23 -4.45 16.62
CA LEU B 221 14.17 -3.65 17.85
C LEU B 221 12.76 -3.42 18.42
N PRO B 222 11.78 -3.03 17.58
CA PRO B 222 10.42 -2.87 18.12
C PRO B 222 9.86 -4.15 18.72
N LEU B 223 10.20 -5.30 18.15
CA LEU B 223 9.75 -6.59 18.69
C LEU B 223 10.45 -6.88 20.01
N LEU B 224 11.72 -6.53 20.10
CA LEU B 224 12.46 -6.65 21.34
C LEU B 224 11.87 -5.74 22.41
N ALA B 225 11.35 -4.59 21.97
CA ALA B 225 10.72 -3.64 22.87
C ALA B 225 9.37 -4.16 23.35
N GLN B 226 8.77 -5.06 22.60
CA GLN B 226 7.50 -5.67 22.97
C GLN B 226 7.70 -6.82 23.95
N VAL B 227 8.82 -7.53 23.82
CA VAL B 227 9.17 -8.60 24.74
C VAL B 227 9.46 -8.01 26.13
N ALA B 228 10.20 -6.91 26.15
CA ALA B 228 10.60 -6.26 27.39
C ALA B 228 9.45 -5.57 28.09
N THR B 229 8.32 -5.43 27.39
CA THR B 229 7.16 -4.76 27.96
C THR B 229 6.12 -5.79 28.44
N GLY B 230 6.07 -6.93 27.76
CA GLY B 230 5.16 -7.99 28.15
C GLY B 230 4.11 -8.32 27.10
N LYS B 231 4.19 -7.65 25.95
CA LYS B 231 3.26 -7.88 24.86
C LYS B 231 3.65 -9.14 24.09
N ARG B 232 4.95 -9.36 23.95
CA ARG B 232 5.47 -10.55 23.29
C ARG B 232 5.96 -11.56 24.33
N GLU B 233 5.87 -12.83 23.99
CA GLU B 233 6.34 -13.89 24.86
C GLU B 233 7.86 -14.03 24.73
N LYS B 234 8.31 -14.13 23.48
CA LYS B 234 9.74 -14.27 23.19
C LYS B 234 10.02 -13.78 21.78
N LEU B 235 11.31 -13.67 21.43
CA LEU B 235 11.71 -13.27 20.09
C LEU B 235 12.11 -14.47 19.23
N LEU B 236 11.74 -14.45 17.96
CA LEU B 236 12.12 -15.52 17.04
C LEU B 236 13.32 -15.08 16.19
N VAL B 237 14.46 -15.71 16.42
CA VAL B 237 15.66 -15.44 15.64
C VAL B 237 15.63 -16.20 14.33
N PHE B 238 15.71 -15.47 13.22
CA PHE B 238 15.58 -16.07 11.90
C PHE B 238 16.91 -16.61 11.37
N GLY B 239 17.25 -17.83 11.77
CA GLY B 239 18.45 -18.49 11.31
C GLY B 239 19.64 -18.34 12.24
N ASP B 240 20.35 -19.44 12.47
CA ASP B 240 21.53 -19.43 13.33
C ASP B 240 22.68 -20.16 12.65
N ASP B 241 22.57 -20.33 11.34
CA ASP B 241 23.59 -21.03 10.56
C ASP B 241 24.27 -20.12 9.55
N TYR B 242 24.17 -18.81 9.76
CA TYR B 242 24.80 -17.83 8.88
C TYR B 242 26.32 -17.84 9.03
N ALA B 243 27.01 -17.15 8.11
CA ALA B 243 28.46 -17.15 8.08
C ALA B 243 29.09 -16.12 9.00
N SER B 244 28.43 -15.82 10.12
CA SER B 244 28.99 -14.92 11.12
C SER B 244 29.70 -15.73 12.21
N HIS B 245 30.16 -15.04 13.26
CA HIS B 245 30.89 -15.71 14.32
C HIS B 245 29.97 -16.46 15.29
N ASP B 246 28.79 -15.90 15.55
CA ASP B 246 27.82 -16.57 16.42
C ASP B 246 26.78 -17.35 15.61
N GLY B 247 26.55 -16.94 14.37
CA GLY B 247 25.66 -17.66 13.48
C GLY B 247 24.48 -16.85 12.99
N THR B 248 24.31 -15.63 13.51
CA THR B 248 23.18 -14.79 13.12
C THR B 248 23.55 -13.73 12.09
N ALA B 249 22.55 -13.23 11.38
CA ALA B 249 22.78 -12.26 10.30
C ALA B 249 23.36 -10.93 10.80
N ILE B 250 24.03 -10.22 9.91
CA ILE B 250 24.70 -8.97 10.27
C ILE B 250 24.02 -7.76 9.63
N ARG B 251 23.80 -6.72 10.44
CA ARG B 251 23.18 -5.49 9.95
C ARG B 251 23.91 -4.25 10.47
N ASP B 252 23.62 -3.10 9.86
CA ASP B 252 24.22 -1.84 10.27
C ASP B 252 23.18 -0.97 10.96
N TYR B 253 23.22 -0.92 12.29
CA TYR B 253 22.23 -0.17 13.06
C TYR B 253 22.70 1.24 13.40
N ILE B 254 21.97 2.23 12.90
CA ILE B 254 22.31 3.63 13.11
C ILE B 254 21.21 4.36 13.90
N HIS B 255 21.63 5.20 14.84
CA HIS B 255 20.69 5.97 15.66
C HIS B 255 19.87 6.91 14.78
N ILE B 256 18.60 7.07 15.14
CA ILE B 256 17.67 7.87 14.35
C ILE B 256 18.05 9.36 14.33
N LEU B 257 18.74 9.81 15.37
CA LEU B 257 19.17 11.21 15.46
C LEU B 257 20.29 11.51 14.47
N ASP B 258 21.21 10.56 14.30
CA ASP B 258 22.27 10.71 13.31
C ASP B 258 21.71 10.57 11.90
N LEU B 259 20.74 9.68 11.75
CA LEU B 259 20.10 9.44 10.47
C LEU B 259 19.30 10.67 10.01
N ALA B 260 18.66 11.32 10.97
CA ALA B 260 17.88 12.52 10.67
C ALA B 260 18.79 13.72 10.41
N ASP B 261 19.95 13.73 11.04
CA ASP B 261 20.91 14.80 10.88
C ASP B 261 21.62 14.70 9.54
N GLY B 262 21.62 13.51 8.96
CA GLY B 262 22.25 13.27 7.67
C GLY B 262 21.55 14.00 6.54
N HIS B 263 20.28 14.32 6.74
CA HIS B 263 19.51 15.05 5.76
C HIS B 263 19.94 16.51 5.70
N LEU B 264 20.26 17.07 6.87
CA LEU B 264 20.70 18.46 6.96
C LEU B 264 22.01 18.66 6.21
N LYS B 265 22.93 17.71 6.38
CA LYS B 265 24.23 17.76 5.69
C LYS B 265 24.03 17.63 4.18
N ALA B 266 23.15 16.72 3.79
CA ALA B 266 22.86 16.49 2.38
C ALA B 266 22.18 17.71 1.75
N LEU B 267 21.21 18.27 2.47
CA LEU B 267 20.47 19.43 1.99
C LEU B 267 21.39 20.65 1.85
N ASN B 268 22.40 20.72 2.71
CA ASN B 268 23.39 21.79 2.63
C ASN B 268 24.34 21.59 1.45
N TYR B 269 24.73 20.34 1.23
CA TYR B 269 25.65 20.00 0.15
C TYR B 269 25.00 20.27 -1.21
N LEU B 270 23.68 20.12 -1.28
CA LEU B 270 22.95 20.37 -2.52
C LEU B 270 22.87 21.86 -2.81
N ARG B 271 22.67 22.66 -1.77
CA ARG B 271 22.54 24.11 -1.92
C ARG B 271 23.91 24.79 -2.02
N ALA B 272 24.97 24.02 -1.78
CA ALA B 272 26.33 24.55 -1.85
C ALA B 272 26.99 24.22 -3.18
N ASN B 273 27.43 22.96 -3.31
CA ASN B 273 28.16 22.53 -4.50
C ASN B 273 27.28 22.44 -5.74
N ASN B 274 25.99 22.16 -5.54
CA ASN B 274 25.06 21.90 -6.64
C ASN B 274 25.58 20.84 -7.62
N PRO B 275 25.73 19.59 -7.15
CA PRO B 275 26.35 18.54 -7.95
C PRO B 275 25.35 17.79 -8.82
N GLY B 276 24.10 18.21 -8.79
CA GLY B 276 23.04 17.53 -9.53
C GLY B 276 22.47 16.38 -8.71
N VAL B 277 22.69 15.16 -9.17
CA VAL B 277 22.19 13.99 -8.45
C VAL B 277 23.34 13.12 -7.94
N ARG B 278 23.24 12.70 -6.69
CA ARG B 278 24.27 11.85 -6.08
C ARG B 278 23.70 11.04 -4.92
N ALA B 279 24.21 9.83 -4.73
CA ALA B 279 23.72 8.94 -3.69
C ALA B 279 24.71 8.79 -2.55
N TRP B 280 24.20 8.74 -1.32
CA TRP B 280 25.03 8.55 -0.14
C TRP B 280 24.46 7.48 0.79
N ASN B 281 25.33 6.62 1.30
CA ASN B 281 24.92 5.66 2.32
C ASN B 281 24.87 6.34 3.68
N LEU B 282 23.87 5.99 4.48
CA LEU B 282 23.74 6.55 5.82
C LEU B 282 23.79 5.45 6.88
N GLY B 283 24.98 4.96 7.16
CA GLY B 283 25.19 3.95 8.16
C GLY B 283 26.32 4.31 9.10
N THR B 284 26.79 3.34 9.87
CA THR B 284 27.87 3.57 10.82
C THR B 284 29.14 2.85 10.41
N GLY B 285 28.99 1.81 9.60
CA GLY B 285 30.12 0.99 9.19
C GLY B 285 30.36 -0.14 10.17
N ARG B 286 29.56 -0.18 11.23
CA ARG B 286 29.69 -1.21 12.25
C ARG B 286 28.65 -2.31 12.04
N GLY B 287 29.12 -3.52 11.74
CA GLY B 287 28.24 -4.66 11.55
C GLY B 287 27.94 -5.37 12.85
N SER B 288 26.66 -5.52 13.16
CA SER B 288 26.24 -6.17 14.40
C SER B 288 25.27 -7.33 14.15
N THR B 289 25.53 -8.45 14.80
CA THR B 289 24.69 -9.62 14.66
C THR B 289 23.40 -9.50 15.48
N VAL B 290 22.47 -10.43 15.25
CA VAL B 290 21.20 -10.43 15.98
C VAL B 290 21.43 -10.71 17.46
N TYR B 291 22.27 -11.70 17.75
CA TYR B 291 22.61 -12.06 19.13
C TYR B 291 23.20 -10.88 19.88
N GLU B 292 24.01 -10.07 19.19
CA GLU B 292 24.62 -8.90 19.80
C GLU B 292 23.58 -7.81 20.08
N MET B 293 22.55 -7.75 19.24
CA MET B 293 21.50 -6.76 19.39
C MET B 293 20.56 -7.10 20.55
N ILE B 294 20.21 -8.37 20.66
CA ILE B 294 19.38 -8.85 21.76
C ILE B 294 20.08 -8.57 23.08
N ARG B 295 21.38 -8.84 23.11
CA ARG B 295 22.19 -8.63 24.30
CA ARG B 295 22.19 -8.63 24.30
C ARG B 295 22.35 -7.14 24.61
N ALA B 296 22.52 -6.34 23.56
CA ALA B 296 22.68 -4.89 23.72
C ALA B 296 21.41 -4.25 24.28
N PHE B 297 20.25 -4.69 23.80
CA PHE B 297 18.97 -4.14 24.25
C PHE B 297 18.60 -4.67 25.63
N SER B 298 18.96 -5.93 25.90
CA SER B 298 18.70 -6.54 27.19
C SER B 298 19.48 -5.81 28.28
N LYS B 299 20.69 -5.39 27.93
CA LYS B 299 21.54 -4.65 28.86
C LYS B 299 20.91 -3.30 29.19
N ALA B 300 20.28 -2.68 28.19
CA ALA B 300 19.62 -1.40 28.38
C ALA B 300 18.41 -1.54 29.29
N VAL B 301 17.69 -2.64 29.15
CA VAL B 301 16.51 -2.90 29.98
C VAL B 301 16.94 -3.34 31.39
N GLY B 302 17.88 -4.28 31.44
CA GLY B 302 18.35 -4.81 32.71
C GLY B 302 18.43 -6.32 32.69
N ARG B 303 17.30 -6.96 32.41
CA ARG B 303 17.23 -8.41 32.34
C ARG B 303 17.50 -8.89 30.91
N ASP B 304 17.76 -10.18 30.76
CA ASP B 304 18.00 -10.76 29.44
C ASP B 304 16.71 -11.30 28.83
N LEU B 305 16.38 -10.81 27.65
CA LEU B 305 15.12 -11.17 26.98
C LEU B 305 15.17 -12.57 26.38
N PRO B 306 14.09 -13.35 26.55
CA PRO B 306 14.01 -14.73 26.04
C PRO B 306 13.85 -14.77 24.52
N TYR B 307 14.55 -15.71 23.89
CA TYR B 307 14.45 -15.87 22.44
C TYR B 307 14.42 -17.35 22.04
N GLU B 308 14.00 -17.61 20.80
CA GLU B 308 13.95 -18.98 20.28
C GLU B 308 14.38 -19.00 18.81
N VAL B 309 15.23 -19.97 18.47
CA VAL B 309 15.77 -20.06 17.12
C VAL B 309 14.75 -20.60 16.12
N ALA B 310 14.57 -19.86 15.04
CA ALA B 310 13.66 -20.24 13.96
C ALA B 310 14.46 -20.37 12.66
N PRO B 311 13.90 -21.07 11.66
CA PRO B 311 14.59 -21.14 10.37
C PRO B 311 14.75 -19.78 9.71
N ARG B 312 15.59 -19.70 8.69
CA ARG B 312 15.88 -18.44 8.00
C ARG B 312 14.62 -17.80 7.40
N ARG B 313 14.60 -16.48 7.35
CA ARG B 313 13.53 -15.75 6.69
C ARG B 313 13.87 -15.55 5.22
N ALA B 314 12.90 -15.84 4.34
CA ALA B 314 13.11 -15.74 2.91
C ALA B 314 13.42 -14.31 2.47
N GLY B 315 14.59 -14.12 1.86
CA GLY B 315 14.99 -12.82 1.36
C GLY B 315 16.06 -12.14 2.18
N ASP B 316 16.30 -12.66 3.39
CA ASP B 316 17.30 -12.08 4.28
C ASP B 316 18.72 -12.39 3.84
N VAL B 317 19.50 -11.34 3.64
CA VAL B 317 20.89 -11.49 3.19
C VAL B 317 21.83 -11.67 4.37
N LEU B 318 23.07 -12.08 4.06
CA LEU B 318 24.07 -12.34 5.09
C LEU B 318 24.53 -11.05 5.77
N ASN B 319 25.07 -10.13 4.97
CA ASN B 319 25.63 -8.90 5.52
C ASN B 319 25.06 -7.64 4.86
N LEU B 320 24.79 -6.64 5.68
CA LEU B 320 24.34 -5.34 5.19
C LEU B 320 25.07 -4.21 5.91
N THR B 321 26.39 -4.30 5.95
CA THR B 321 27.21 -3.28 6.59
C THR B 321 27.51 -2.14 5.61
N SER B 322 27.48 -0.91 6.10
CA SER B 322 27.66 0.26 5.25
C SER B 322 29.12 0.67 5.09
N ASN B 323 29.40 1.36 3.99
CA ASN B 323 30.70 1.98 3.77
C ASN B 323 30.50 3.49 3.68
N PRO B 324 30.34 4.14 4.85
CA PRO B 324 29.92 5.55 4.93
C PRO B 324 31.04 6.56 4.71
N THR B 325 32.14 6.13 4.09
CA THR B 325 33.29 7.02 3.87
C THR B 325 32.92 8.22 2.99
N ARG B 326 32.10 7.97 1.97
CA ARG B 326 31.70 9.05 1.06
C ARG B 326 30.89 10.13 1.78
N ALA B 327 30.02 9.69 2.70
CA ALA B 327 29.20 10.62 3.46
C ALA B 327 30.02 11.39 4.49
N ASN B 328 31.09 10.76 4.99
CA ASN B 328 31.94 11.39 5.99
C ASN B 328 32.81 12.50 5.41
N THR B 329 33.27 12.31 4.18
CA THR B 329 34.15 13.28 3.54
C THR B 329 33.38 14.38 2.81
N GLU B 330 32.45 13.97 1.94
CA GLU B 330 31.69 14.91 1.12
C GLU B 330 30.67 15.71 1.93
N LEU B 331 29.84 15.02 2.69
CA LEU B 331 28.78 15.67 3.46
C LEU B 331 29.28 16.19 4.80
N GLY B 332 30.42 15.67 5.26
CA GLY B 332 30.97 16.04 6.55
C GLY B 332 30.08 15.52 7.68
N TRP B 333 29.45 14.39 7.42
CA TRP B 333 28.52 13.78 8.37
C TRP B 333 29.06 12.46 8.90
N LYS B 334 28.99 12.28 10.22
CA LYS B 334 29.41 11.02 10.84
C LYS B 334 28.42 10.59 11.91
N ALA B 335 28.34 9.29 12.16
CA ALA B 335 27.46 8.76 13.19
C ALA B 335 28.00 9.07 14.57
N GLN B 336 27.43 10.08 15.22
CA GLN B 336 27.87 10.49 16.55
C GLN B 336 27.46 9.47 17.60
N ARG B 337 26.14 9.29 17.76
CA ARG B 337 25.59 8.35 18.75
C ARG B 337 26.00 6.92 18.42
N THR B 338 26.05 6.08 19.44
CA THR B 338 26.46 4.68 19.26
C THR B 338 25.26 3.75 19.24
N LEU B 339 25.53 2.46 19.04
CA LEU B 339 24.47 1.45 18.99
C LEU B 339 23.86 1.26 20.37
N GLU B 340 24.70 1.28 21.40
CA GLU B 340 24.24 1.08 22.77
C GLU B 340 23.36 2.24 23.23
N GLN B 341 23.69 3.45 22.81
CA GLN B 341 22.90 4.63 23.15
C GLN B 341 21.48 4.50 22.61
N ALA B 342 21.36 3.92 21.42
CA ALA B 342 20.06 3.76 20.76
C ALA B 342 19.11 2.88 21.59
N CYS B 343 19.64 1.79 22.12
CA CYS B 343 18.84 0.87 22.93
C CYS B 343 18.36 1.55 24.22
N GLU B 344 19.18 2.43 24.76
CA GLU B 344 18.84 3.14 26.00
C GLU B 344 17.73 4.16 25.76
N ASP B 345 17.79 4.85 24.63
CA ASP B 345 16.77 5.83 24.27
C ASP B 345 15.48 5.14 23.86
N LEU B 346 15.61 4.00 23.20
CA LEU B 346 14.46 3.21 22.76
C LEU B 346 13.70 2.65 23.94
N TRP B 347 14.43 2.07 24.89
CA TRP B 347 13.82 1.52 26.10
C TRP B 347 13.19 2.62 26.94
N LEU B 348 13.80 3.80 26.93
CA LEU B 348 13.27 4.96 27.63
C LEU B 348 11.89 5.30 27.06
N TRP B 349 11.80 5.28 25.74
CA TRP B 349 10.57 5.59 25.04
C TRP B 349 9.49 4.52 25.25
N THR B 350 9.89 3.26 25.14
CA THR B 350 8.96 2.14 25.26
C THR B 350 8.40 1.99 26.68
N LYS B 351 9.29 2.05 27.66
CA LYS B 351 8.93 1.87 29.07
C LYS B 351 7.92 2.92 29.53
N ASN B 352 8.23 4.18 29.29
CA ASN B 352 7.36 5.28 29.71
C ASN B 352 6.11 5.41 28.82
N ASN B 353 6.27 5.10 27.54
CA ASN B 353 5.17 5.17 26.59
C ASN B 353 4.93 3.84 25.90
N PRO B 354 4.30 2.89 26.61
CA PRO B 354 4.06 1.55 26.07
C PRO B 354 3.00 1.53 24.98
N GLN B 355 2.21 2.60 24.88
CA GLN B 355 1.15 2.66 23.89
C GLN B 355 1.32 3.83 22.93
N GLY B 356 2.56 4.21 22.67
CA GLY B 356 2.85 5.24 21.68
C GLY B 356 2.21 6.59 21.95
N TYR B 357 1.58 7.15 20.91
CA TYR B 357 1.02 8.49 20.98
C TYR B 357 -0.45 8.53 21.36
N ARG B 358 -1.06 7.37 21.59
CA ARG B 358 -2.45 7.34 22.03
C ARG B 358 -2.55 7.40 23.54
N GLN B 359 -1.44 7.75 24.18
CA GLN B 359 -1.40 8.00 25.62
C GLN B 359 -0.63 9.28 25.88
N GLN B 360 -0.76 9.83 27.09
CA GLN B 360 -0.02 11.01 27.47
C GLN B 360 1.20 10.62 28.29
N PRO B 361 2.38 11.13 27.93
CA PRO B 361 3.64 10.79 28.60
C PRO B 361 3.65 11.18 30.08
N PRO B 362 4.48 10.51 30.88
CA PRO B 362 4.60 10.79 32.33
C PRO B 362 5.02 12.23 32.61
N ALA B 363 4.94 12.64 33.87
CA ALA B 363 5.25 14.01 34.27
C ALA B 363 6.72 14.36 34.07
N GLU B 364 7.01 15.07 32.99
CA GLU B 364 8.35 15.56 32.69
C GLU B 364 8.33 16.60 31.58
N LEU B 365 8.99 17.74 31.81
CA LEU B 365 9.71 18.02 33.05
C LEU B 365 8.88 18.90 33.96
N PRO C 2 -11.31 -21.06 -29.45
CA PRO C 2 -10.47 -20.07 -28.77
C PRO C 2 -9.48 -19.40 -29.71
N SER C 3 -9.82 -18.30 -30.40
CA SER C 3 -11.12 -17.60 -30.37
C SER C 3 -11.58 -17.07 -29.01
N GLY C 4 -10.93 -16.02 -28.54
CA GLY C 4 -11.30 -15.35 -27.30
C GLY C 4 -11.30 -13.85 -27.49
N SER C 5 -11.36 -13.11 -26.40
CA SER C 5 -11.32 -11.65 -26.47
C SER C 5 -9.96 -11.11 -26.01
N VAL C 6 -9.58 -9.95 -26.53
CA VAL C 6 -8.30 -9.34 -26.22
C VAL C 6 -8.40 -7.82 -26.21
N LEU C 7 -7.89 -7.18 -25.17
CA LEU C 7 -7.78 -5.72 -25.15
C LEU C 7 -6.41 -5.30 -25.68
N VAL C 8 -6.41 -4.45 -26.70
CA VAL C 8 -5.16 -3.98 -27.29
C VAL C 8 -4.98 -2.48 -27.09
N THR C 9 -4.25 -2.10 -26.04
CA THR C 9 -3.92 -0.70 -25.84
C THR C 9 -2.98 -0.26 -26.94
N GLY C 10 -3.14 0.97 -27.41
CA GLY C 10 -2.45 1.41 -28.61
C GLY C 10 -3.27 1.01 -29.81
N GLY C 11 -2.99 -0.16 -30.37
CA GLY C 11 -3.82 -0.73 -31.41
C GLY C 11 -3.86 0.03 -32.73
N THR C 12 -4.00 1.34 -32.67
CA THR C 12 -4.02 2.17 -33.88
C THR C 12 -2.60 2.56 -34.28
N GLY C 13 -1.64 2.29 -33.39
CA GLY C 13 -0.25 2.60 -33.66
C GLY C 13 0.39 1.67 -34.67
N TYR C 14 1.69 1.78 -34.85
CA TYR C 14 2.42 0.98 -35.83
C TYR C 14 2.30 -0.51 -35.56
N ILE C 15 3.03 -0.98 -34.55
CA ILE C 15 3.04 -2.40 -34.19
C ILE C 15 1.66 -2.87 -33.72
N GLY C 16 0.91 -1.96 -33.13
CA GLY C 16 -0.42 -2.27 -32.64
C GLY C 16 -1.39 -2.64 -33.75
N SER C 17 -1.34 -1.91 -34.86
CA SER C 17 -2.28 -2.12 -35.96
C SER C 17 -2.14 -3.50 -36.62
N PHE C 18 -0.90 -3.92 -36.86
CA PHE C 18 -0.65 -5.20 -37.48
C PHE C 18 -0.94 -6.34 -36.50
N THR C 19 -0.75 -6.06 -35.21
CA THR C 19 -1.03 -7.04 -34.17
C THR C 19 -2.54 -7.25 -34.04
N THR C 20 -3.29 -6.16 -33.98
CA THR C 20 -4.75 -6.24 -33.90
C THR C 20 -5.36 -6.65 -35.23
N LEU C 21 -4.53 -6.73 -36.26
CA LEU C 21 -4.95 -7.25 -37.55
C LEU C 21 -4.86 -8.77 -37.55
N ALA C 22 -3.75 -9.29 -37.02
CA ALA C 22 -3.53 -10.73 -36.96
C ALA C 22 -4.47 -11.39 -35.96
N LEU C 23 -4.93 -10.63 -34.98
CA LEU C 23 -5.85 -11.13 -33.97
C LEU C 23 -7.23 -11.38 -34.55
N LEU C 24 -7.72 -10.41 -35.33
CA LEU C 24 -9.01 -10.54 -36.00
C LEU C 24 -9.00 -11.68 -37.01
N GLU C 25 -7.87 -11.85 -37.69
CA GLU C 25 -7.73 -12.92 -38.68
C GLU C 25 -7.60 -14.27 -38.00
N ALA C 26 -7.30 -14.27 -36.70
CA ALA C 26 -7.19 -15.49 -35.93
C ALA C 26 -8.51 -15.85 -35.26
N GLY C 27 -9.49 -14.97 -35.38
CA GLY C 27 -10.82 -15.21 -34.84
C GLY C 27 -11.07 -14.53 -33.50
N TYR C 28 -10.09 -13.78 -33.03
CA TYR C 28 -10.21 -13.07 -31.75
C TYR C 28 -11.20 -11.91 -31.83
N LYS C 29 -11.76 -11.55 -30.69
CA LYS C 29 -12.50 -10.30 -30.54
C LYS C 29 -11.58 -9.29 -29.89
N VAL C 30 -11.37 -8.15 -30.53
CA VAL C 30 -10.46 -7.15 -29.99
C VAL C 30 -11.07 -5.77 -29.78
N VAL C 31 -10.83 -5.23 -28.59
CA VAL C 31 -11.19 -3.85 -28.28
C VAL C 31 -9.91 -3.03 -28.28
N VAL C 32 -9.87 -2.00 -29.12
CA VAL C 32 -8.67 -1.18 -29.24
C VAL C 32 -8.76 0.08 -28.39
N ALA C 33 -7.74 0.30 -27.56
CA ALA C 33 -7.69 1.48 -26.71
C ALA C 33 -6.52 2.39 -27.09
N ASP C 34 -6.83 3.63 -27.45
CA ASP C 34 -5.82 4.61 -27.83
C ASP C 34 -6.35 6.03 -27.69
N ASN C 35 -5.49 6.96 -27.32
CA ASN C 35 -5.85 8.37 -27.24
C ASN C 35 -5.52 9.09 -28.54
N LEU C 36 -5.00 8.33 -29.51
CA LEU C 36 -4.63 8.84 -30.82
C LEU C 36 -3.58 9.95 -30.75
N TYR C 37 -2.62 9.79 -29.83
CA TYR C 37 -1.53 10.74 -29.67
C TYR C 37 -0.55 10.69 -30.84
N ASN C 38 -0.24 9.48 -31.29
CA ASN C 38 0.75 9.30 -32.34
C ASN C 38 0.24 8.41 -33.48
N SER C 39 -1.08 8.32 -33.62
CA SER C 39 -1.69 7.49 -34.65
C SER C 39 -3.09 7.97 -35.04
N SER C 40 -3.63 7.39 -36.09
CA SER C 40 -4.97 7.75 -36.57
C SER C 40 -5.93 6.56 -36.45
N ALA C 41 -7.21 6.85 -36.28
CA ALA C 41 -8.21 5.80 -36.16
C ALA C 41 -8.54 5.18 -37.52
N GLU C 42 -8.04 5.79 -38.58
CA GLU C 42 -8.24 5.29 -39.93
C GLU C 42 -7.60 3.92 -40.11
N ALA C 43 -6.59 3.63 -39.30
CA ALA C 43 -5.90 2.34 -39.35
C ALA C 43 -6.85 1.17 -39.13
N LEU C 44 -7.93 1.41 -38.39
CA LEU C 44 -8.93 0.39 -38.14
C LEU C 44 -9.78 0.16 -39.38
N ASN C 45 -10.03 1.21 -40.14
CA ASN C 45 -10.78 1.11 -41.39
C ASN C 45 -10.01 0.33 -42.45
N ARG C 46 -8.68 0.43 -42.39
CA ARG C 46 -7.82 -0.31 -43.30
C ARG C 46 -7.80 -1.79 -42.94
N ILE C 47 -7.99 -2.07 -41.65
CA ILE C 47 -8.06 -3.44 -41.16
C ILE C 47 -9.33 -4.13 -41.64
N GLU C 48 -10.44 -3.42 -41.57
CA GLU C 48 -11.74 -3.94 -42.02
C GLU C 48 -11.72 -4.27 -43.51
N LEU C 49 -11.00 -3.47 -44.28
CA LEU C 49 -10.90 -3.69 -45.73
C LEU C 49 -10.10 -4.93 -46.06
N ILE C 50 -9.12 -5.25 -45.21
CA ILE C 50 -8.24 -6.40 -45.44
C ILE C 50 -8.82 -7.70 -44.89
N SER C 51 -9.17 -7.69 -43.60
CA SER C 51 -9.64 -8.90 -42.93
C SER C 51 -11.14 -9.14 -43.13
N GLY C 52 -11.91 -8.07 -43.18
CA GLY C 52 -13.35 -8.17 -43.27
C GLY C 52 -14.00 -7.97 -41.92
N LYS C 53 -13.22 -8.21 -40.87
CA LYS C 53 -13.70 -8.03 -39.51
C LYS C 53 -13.20 -6.70 -38.95
N LYS C 54 -13.97 -6.09 -38.07
CA LYS C 54 -13.61 -4.81 -37.47
C LYS C 54 -13.51 -4.89 -35.96
N ALA C 55 -12.55 -4.16 -35.39
CA ALA C 55 -12.35 -4.16 -33.95
C ALA C 55 -13.08 -2.98 -33.31
N GLU C 56 -13.54 -3.17 -32.08
CA GLU C 56 -14.21 -2.10 -31.34
C GLU C 56 -13.17 -1.10 -30.84
N PHE C 57 -13.49 0.19 -30.97
CA PHE C 57 -12.54 1.24 -30.60
C PHE C 57 -13.00 2.03 -29.39
N ALA C 58 -12.07 2.23 -28.46
CA ALA C 58 -12.32 3.05 -27.28
C ALA C 58 -11.23 4.10 -27.14
N GLN C 59 -11.60 5.36 -27.30
CA GLN C 59 -10.64 6.46 -27.20
C GLN C 59 -10.47 6.91 -25.76
N LEU C 60 -9.34 6.56 -25.16
CA LEU C 60 -9.07 6.90 -23.76
C LEU C 60 -7.58 6.93 -23.44
N ASP C 61 -7.22 7.76 -22.47
CA ASP C 61 -5.83 7.85 -22.01
C ASP C 61 -5.52 6.66 -21.12
N VAL C 62 -4.33 6.09 -21.29
CA VAL C 62 -3.91 4.92 -20.52
C VAL C 62 -3.65 5.31 -19.07
N THR C 63 -3.45 6.61 -18.83
CA THR C 63 -3.23 7.11 -17.48
C THR C 63 -4.55 7.39 -16.78
N ASP C 64 -5.66 7.05 -17.44
CA ASP C 64 -6.99 7.20 -16.85
C ASP C 64 -7.49 5.85 -16.37
N GLU C 65 -7.40 5.62 -15.06
CA GLU C 65 -7.75 4.34 -14.47
C GLU C 65 -9.23 4.00 -14.63
N ALA C 66 -10.08 5.03 -14.48
CA ALA C 66 -11.52 4.84 -14.61
C ALA C 66 -11.89 4.36 -16.01
N ALA C 67 -11.23 4.93 -17.02
CA ALA C 67 -11.49 4.56 -18.41
C ALA C 67 -11.22 3.08 -18.67
N PHE C 68 -10.23 2.54 -17.96
CA PHE C 68 -9.91 1.12 -18.07
C PHE C 68 -11.00 0.25 -17.43
N ASP C 69 -11.59 0.77 -16.35
CA ASP C 69 -12.69 0.07 -15.68
C ASP C 69 -13.92 0.05 -16.58
N LYS C 70 -14.20 1.18 -17.23
CA LYS C 70 -15.37 1.30 -18.09
C LYS C 70 -15.34 0.34 -19.28
N VAL C 71 -14.13 -0.02 -19.72
CA VAL C 71 -13.98 -0.98 -20.82
C VAL C 71 -14.26 -2.40 -20.35
N PHE C 72 -13.65 -2.77 -19.22
CA PHE C 72 -13.81 -4.11 -18.67
C PHE C 72 -15.24 -4.37 -18.20
N GLU C 73 -15.92 -3.33 -17.75
CA GLU C 73 -17.31 -3.43 -17.33
C GLU C 73 -18.23 -3.60 -18.53
N ALA C 74 -17.82 -3.04 -19.67
CA ALA C 74 -18.60 -3.15 -20.90
C ALA C 74 -18.21 -4.41 -21.67
N HIS C 75 -17.04 -4.96 -21.34
CA HIS C 75 -16.56 -6.20 -21.95
C HIS C 75 -15.97 -7.12 -20.88
N PRO C 76 -16.85 -7.82 -20.14
CA PRO C 76 -16.43 -8.66 -19.02
C PRO C 76 -15.82 -9.99 -19.46
N ASP C 77 -15.65 -10.17 -20.76
CA ASP C 77 -15.13 -11.43 -21.31
C ASP C 77 -13.77 -11.26 -21.96
N ILE C 78 -13.10 -10.15 -21.69
CA ILE C 78 -11.81 -9.86 -22.30
C ILE C 78 -10.72 -10.84 -21.85
N ASP C 79 -10.46 -10.90 -20.56
CA ASP C 79 -9.53 -11.86 -19.96
C ASP C 79 -8.04 -11.71 -20.33
N SER C 80 -7.75 -10.97 -21.41
CA SER C 80 -6.37 -10.83 -21.85
C SER C 80 -6.08 -9.46 -22.49
N VAL C 81 -4.90 -8.91 -22.21
CA VAL C 81 -4.55 -7.58 -22.67
C VAL C 81 -3.16 -7.51 -23.30
N ILE C 82 -3.05 -6.89 -24.48
CA ILE C 82 -1.76 -6.60 -25.08
C ILE C 82 -1.44 -5.12 -24.87
N HIS C 83 -0.27 -4.81 -24.34
CA HIS C 83 0.06 -3.45 -23.94
C HIS C 83 1.08 -2.78 -24.86
N PHE C 84 0.60 -1.92 -25.77
CA PHE C 84 1.46 -1.19 -26.68
C PHE C 84 1.61 0.28 -26.29
N ALA C 85 0.56 0.83 -25.68
CA ALA C 85 0.49 2.26 -25.38
C ALA C 85 1.67 2.79 -24.59
N ALA C 86 2.52 3.58 -25.27
CA ALA C 86 3.69 4.18 -24.66
C ALA C 86 4.30 5.26 -25.55
N LEU C 87 5.37 5.88 -25.06
CA LEU C 87 6.15 6.82 -25.86
C LEU C 87 7.48 6.17 -26.16
N LYS C 88 7.87 6.15 -27.44
CA LYS C 88 9.05 5.39 -27.84
C LYS C 88 10.18 6.17 -28.52
N ALA C 89 10.23 7.48 -28.30
CA ALA C 89 11.31 8.29 -28.83
C ALA C 89 12.45 8.41 -27.81
N VAL C 90 13.59 7.80 -28.13
CA VAL C 90 14.74 7.75 -27.23
C VAL C 90 15.28 9.14 -26.91
N GLY C 91 15.54 9.92 -27.95
CA GLY C 91 16.07 11.26 -27.80
C GLY C 91 15.13 12.18 -27.03
N GLU C 92 13.84 12.05 -27.28
CA GLU C 92 12.84 12.88 -26.62
C GLU C 92 12.73 12.53 -25.14
N SER C 93 13.00 11.27 -24.81
CA SER C 93 12.95 10.82 -23.42
C SER C 93 14.05 11.49 -22.59
N GLY C 94 15.12 11.91 -23.27
CA GLY C 94 16.25 12.54 -22.61
C GLY C 94 16.01 14.01 -22.31
N GLU C 95 14.91 14.56 -22.81
CA GLU C 95 14.59 15.97 -22.58
C GLU C 95 13.25 16.16 -21.87
N LYS C 96 12.39 15.15 -21.94
CA LYS C 96 11.14 15.14 -21.17
C LYS C 96 10.81 13.76 -20.61
N PRO C 97 11.62 13.30 -19.63
CA PRO C 97 11.47 11.96 -19.07
C PRO C 97 10.22 11.79 -18.19
N LEU C 98 9.74 12.89 -17.59
CA LEU C 98 8.56 12.84 -16.75
C LEU C 98 7.34 12.34 -17.50
N ASP C 99 7.17 12.82 -18.73
CA ASP C 99 6.05 12.38 -19.56
C ASP C 99 6.18 10.90 -19.92
N TYR C 100 7.41 10.40 -19.96
CA TYR C 100 7.68 9.00 -20.25
C TYR C 100 7.37 8.12 -19.03
N TYR C 101 7.76 8.58 -17.86
CA TYR C 101 7.47 7.85 -16.62
C TYR C 101 5.98 7.91 -16.28
N HIS C 102 5.31 8.97 -16.71
CA HIS C 102 3.90 9.15 -16.40
C HIS C 102 2.99 8.35 -17.33
N VAL C 103 3.39 8.22 -18.59
CA VAL C 103 2.59 7.49 -19.57
C VAL C 103 2.93 6.00 -19.59
N ASN C 104 4.21 5.68 -19.65
CA ASN C 104 4.64 4.28 -19.75
C ASN C 104 4.54 3.52 -18.43
N VAL C 105 5.22 4.01 -17.40
CA VAL C 105 5.23 3.35 -16.10
C VAL C 105 3.88 3.44 -15.39
N TYR C 106 3.40 4.65 -15.19
CA TYR C 106 2.13 4.87 -14.48
C TYR C 106 0.94 4.36 -15.28
N GLY C 107 1.01 4.48 -16.60
CA GLY C 107 -0.05 3.98 -17.46
C GLY C 107 -0.19 2.47 -17.32
N THR C 108 0.93 1.80 -17.11
CA THR C 108 0.93 0.35 -16.90
C THR C 108 0.34 0.02 -15.53
N ILE C 109 0.67 0.85 -14.53
CA ILE C 109 0.14 0.67 -13.18
C ILE C 109 -1.38 0.78 -13.17
N CYS C 110 -1.91 1.74 -13.91
CA CYS C 110 -3.36 1.90 -14.05
C CYS C 110 -3.98 0.67 -14.67
N LEU C 111 -3.30 0.11 -15.67
CA LEU C 111 -3.77 -1.08 -16.35
C LEU C 111 -3.82 -2.28 -15.42
N LEU C 112 -2.71 -2.55 -14.75
CA LEU C 112 -2.61 -3.69 -13.84
C LEU C 112 -3.62 -3.62 -12.70
N ARG C 113 -3.82 -2.44 -12.16
CA ARG C 113 -4.81 -2.23 -11.09
C ARG C 113 -6.21 -2.53 -11.58
N SER C 114 -6.52 -2.07 -12.80
CA SER C 114 -7.83 -2.32 -13.40
C SER C 114 -7.96 -3.77 -13.84
N MET C 115 -6.84 -4.39 -14.18
CA MET C 115 -6.83 -5.79 -14.58
C MET C 115 -7.17 -6.72 -13.41
N VAL C 116 -6.50 -6.50 -12.29
CA VAL C 116 -6.75 -7.27 -11.07
C VAL C 116 -8.17 -7.05 -10.58
N ARG C 117 -8.64 -5.81 -10.74
CA ARG C 117 -9.97 -5.43 -10.30
C ARG C 117 -11.08 -6.18 -11.04
N HIS C 118 -10.83 -6.49 -12.31
CA HIS C 118 -11.85 -7.14 -13.14
C HIS C 118 -11.45 -8.56 -13.56
N ASN C 119 -10.43 -9.10 -12.90
CA ASN C 119 -10.00 -10.49 -13.11
C ASN C 119 -9.56 -10.85 -14.53
N VAL C 120 -8.94 -9.92 -15.23
CA VAL C 120 -8.23 -10.25 -16.45
C VAL C 120 -6.78 -10.56 -16.09
N THR C 121 -6.33 -11.76 -16.45
CA THR C 121 -5.11 -12.31 -15.85
C THR C 121 -3.93 -12.48 -16.81
N ASN C 122 -4.14 -12.18 -18.08
CA ASN C 122 -3.08 -12.35 -19.08
C ASN C 122 -2.68 -11.03 -19.75
N ILE C 123 -1.39 -10.70 -19.65
CA ILE C 123 -0.88 -9.48 -20.26
C ILE C 123 0.37 -9.71 -21.09
N VAL C 124 0.41 -9.11 -22.27
CA VAL C 124 1.59 -9.17 -23.13
C VAL C 124 2.17 -7.77 -23.26
N PHE C 125 3.32 -7.54 -22.65
CA PHE C 125 3.93 -6.21 -22.61
C PHE C 125 4.89 -5.96 -23.77
N SER C 126 4.88 -4.74 -24.28
CA SER C 126 5.75 -4.34 -25.38
C SER C 126 7.06 -3.76 -24.87
N SER C 127 7.99 -4.64 -24.48
CA SER C 127 9.31 -4.21 -24.05
C SER C 127 10.18 -3.88 -25.27
N SER C 128 11.37 -3.36 -25.02
CA SER C 128 12.29 -3.01 -26.10
C SER C 128 13.63 -3.69 -25.90
N ALA C 129 14.46 -3.67 -26.95
CA ALA C 129 15.80 -4.24 -26.87
C ALA C 129 16.80 -3.23 -26.32
N THR C 130 16.30 -2.05 -25.97
CA THR C 130 17.14 -1.00 -25.41
C THR C 130 17.41 -1.25 -23.93
N VAL C 131 16.76 -2.26 -23.37
CA VAL C 131 16.93 -2.60 -21.96
C VAL C 131 18.25 -3.32 -21.72
N TYR C 132 18.80 -3.92 -22.77
CA TYR C 132 20.08 -4.61 -22.67
C TYR C 132 21.24 -3.63 -22.60
N GLY C 133 21.02 -2.43 -23.13
CA GLY C 133 22.08 -1.43 -23.21
C GLY C 133 23.13 -1.88 -24.19
N ASP C 134 24.40 -1.65 -23.86
CA ASP C 134 25.50 -2.09 -24.69
C ASP C 134 25.94 -3.50 -24.29
N ALA C 135 25.77 -4.45 -25.20
CA ALA C 135 26.08 -5.85 -24.90
C ALA C 135 27.53 -6.20 -25.19
N THR C 136 28.36 -5.19 -25.43
CA THR C 136 29.77 -5.40 -25.72
C THR C 136 30.61 -5.35 -24.45
N ARG C 137 30.00 -4.93 -23.35
CA ARG C 137 30.67 -4.89 -22.06
C ARG C 137 30.76 -6.29 -21.45
N PHE C 138 30.07 -7.23 -22.09
CA PHE C 138 30.07 -8.62 -21.65
C PHE C 138 30.63 -9.52 -22.74
N PRO C 139 31.54 -10.43 -22.36
CA PRO C 139 32.13 -11.38 -23.31
C PRO C 139 31.12 -12.47 -23.71
N ASP C 140 31.07 -12.77 -25.00
CA ASP C 140 30.18 -13.81 -25.54
C ASP C 140 28.71 -13.53 -25.21
N MET C 141 28.25 -12.32 -25.52
CA MET C 141 26.87 -11.94 -25.25
C MET C 141 26.18 -11.45 -26.52
N ILE C 142 26.90 -11.52 -27.64
CA ILE C 142 26.36 -11.14 -28.94
C ILE C 142 26.39 -12.33 -29.90
N PRO C 143 25.24 -12.70 -30.48
CA PRO C 143 23.89 -12.10 -30.37
C PRO C 143 23.31 -12.14 -28.96
N ILE C 144 22.41 -11.20 -28.67
CA ILE C 144 21.91 -11.00 -27.32
C ILE C 144 20.80 -11.96 -26.93
N PRO C 145 21.05 -12.79 -25.89
CA PRO C 145 20.05 -13.72 -25.36
C PRO C 145 19.17 -13.03 -24.32
N GLU C 146 18.11 -13.71 -23.88
CA GLU C 146 17.19 -13.13 -22.91
C GLU C 146 17.80 -13.07 -21.51
N HIS C 147 18.78 -13.92 -21.26
CA HIS C 147 19.42 -13.98 -19.93
C HIS C 147 20.54 -12.95 -19.78
N CYS C 148 20.57 -11.97 -20.68
CA CYS C 148 21.55 -10.90 -20.61
C CYS C 148 21.14 -9.89 -19.53
N PRO C 149 22.10 -9.51 -18.66
CA PRO C 149 21.86 -8.52 -17.60
C PRO C 149 21.38 -7.19 -18.15
N LEU C 150 20.25 -6.70 -17.64
CA LEU C 150 19.67 -5.46 -18.15
C LEU C 150 20.31 -4.22 -17.55
N GLY C 151 20.55 -3.22 -18.40
CA GLY C 151 21.13 -1.96 -17.97
C GLY C 151 20.99 -0.89 -19.03
N PRO C 152 19.79 -0.33 -19.16
CA PRO C 152 19.49 0.69 -20.18
C PRO C 152 20.25 1.99 -19.93
N THR C 153 20.46 2.77 -20.99
CA THR C 153 21.26 3.99 -20.90
C THR C 153 20.46 5.25 -21.24
N ASN C 154 19.14 5.14 -21.23
CA ASN C 154 18.27 6.27 -21.49
C ASN C 154 16.92 6.12 -20.79
N PRO C 155 16.29 7.24 -20.42
CA PRO C 155 14.99 7.27 -19.72
C PRO C 155 13.93 6.36 -20.34
N TYR C 156 13.92 6.24 -21.66
CA TYR C 156 12.99 5.34 -22.32
C TYR C 156 13.30 3.89 -21.99
N GLY C 157 14.59 3.57 -21.87
CA GLY C 157 15.02 2.24 -21.51
C GLY C 157 14.70 1.93 -20.05
N ASN C 158 14.97 2.89 -19.18
CA ASN C 158 14.65 2.76 -17.76
C ASN C 158 13.16 2.56 -17.55
N THR C 159 12.36 3.23 -18.37
CA THR C 159 10.91 3.17 -18.26
C THR C 159 10.38 1.78 -18.60
N LYS C 160 11.07 1.09 -19.50
CA LYS C 160 10.70 -0.28 -19.87
C LYS C 160 11.20 -1.24 -18.81
N PHE C 161 12.36 -0.93 -18.23
CA PHE C 161 12.96 -1.75 -17.20
C PHE C 161 12.07 -1.79 -15.96
N ALA C 162 11.56 -0.62 -15.57
CA ALA C 162 10.72 -0.51 -14.39
C ALA C 162 9.40 -1.27 -14.55
N ILE C 163 8.85 -1.24 -15.76
CA ILE C 163 7.61 -1.94 -16.04
C ILE C 163 7.78 -3.46 -15.96
N GLU C 164 8.87 -3.95 -16.57
CA GLU C 164 9.18 -5.38 -16.53
C GLU C 164 9.25 -5.90 -15.10
N LEU C 165 9.89 -5.12 -14.24
CA LEU C 165 9.98 -5.47 -12.82
C LEU C 165 8.61 -5.43 -12.18
N ALA C 166 7.79 -4.47 -12.60
CA ALA C 166 6.43 -4.34 -12.08
C ALA C 166 5.55 -5.50 -12.53
N ILE C 167 5.68 -5.87 -13.80
CA ILE C 167 4.91 -6.98 -14.36
C ILE C 167 5.21 -8.28 -13.61
N THR C 168 6.50 -8.52 -13.35
CA THR C 168 6.93 -9.73 -12.64
C THR C 168 6.37 -9.78 -11.23
N ASP C 169 6.54 -8.69 -10.47
CA ASP C 169 6.11 -8.64 -9.09
C ASP C 169 4.60 -8.77 -8.92
N VAL C 170 3.85 -8.07 -9.75
CA VAL C 170 2.38 -8.08 -9.67
C VAL C 170 1.80 -9.46 -9.96
N ILE C 171 2.20 -10.06 -11.07
CA ILE C 171 1.69 -11.36 -11.49
C ILE C 171 2.12 -12.49 -10.56
N ASN C 172 3.39 -12.51 -10.18
CA ASN C 172 3.90 -13.52 -9.25
C ASN C 172 3.16 -13.49 -7.91
N ALA C 173 2.77 -12.29 -7.48
CA ALA C 173 2.02 -12.13 -6.24
C ALA C 173 0.64 -12.78 -6.34
N GLN C 174 0.00 -12.59 -7.49
CA GLN C 174 -1.32 -13.17 -7.72
C GLN C 174 -1.26 -14.69 -7.71
N ARG C 175 -0.17 -15.25 -8.22
CA ARG C 175 0.04 -16.69 -8.25
C ARG C 175 0.40 -17.20 -6.86
N ASN C 176 1.32 -16.50 -6.19
CA ASN C 176 1.77 -16.89 -4.86
C ASN C 176 0.67 -16.80 -3.79
N ASN C 177 -0.14 -15.74 -3.87
CA ASN C 177 -1.25 -15.57 -2.95
C ASN C 177 -2.31 -16.67 -3.11
N ALA C 178 -2.44 -17.16 -4.34
CA ALA C 178 -3.40 -18.23 -4.63
C ALA C 178 -2.84 -19.58 -4.20
N LYS C 179 -1.52 -19.74 -4.26
CA LYS C 179 -0.87 -20.96 -3.81
C LYS C 179 -0.96 -21.12 -2.30
N LYS C 180 -0.78 -20.02 -1.59
CA LYS C 180 -0.84 -20.03 -0.12
C LYS C 180 -2.25 -20.33 0.37
N ALA C 181 -3.24 -20.03 -0.46
CA ALA C 181 -4.64 -20.30 -0.13
C ALA C 181 -5.04 -21.68 -0.66
N GLY C 182 -4.08 -22.43 -1.16
CA GLY C 182 -4.33 -23.76 -1.68
C GLY C 182 -5.16 -23.78 -2.94
N ASN C 183 -5.19 -22.65 -3.65
CA ASN C 183 -5.96 -22.53 -4.87
C ASN C 183 -5.05 -22.48 -6.10
N GLU C 184 -4.55 -23.65 -6.49
CA GLU C 184 -3.65 -23.76 -7.65
C GLU C 184 -4.36 -23.47 -8.96
N THR C 185 -5.68 -23.50 -8.95
CA THR C 185 -6.47 -23.22 -10.14
C THR C 185 -6.42 -21.73 -10.49
N GLU C 186 -6.64 -20.88 -9.50
CA GLU C 186 -6.64 -19.45 -9.71
C GLU C 186 -5.23 -18.92 -9.97
N ALA C 187 -4.24 -19.64 -9.45
CA ALA C 187 -2.84 -19.25 -9.61
C ALA C 187 -2.36 -19.38 -11.05
N ALA C 188 -2.74 -20.47 -11.70
CA ALA C 188 -2.28 -20.76 -13.06
C ALA C 188 -2.86 -19.80 -14.10
N LYS C 189 -3.92 -19.10 -13.74
CA LYS C 189 -4.58 -18.19 -14.68
C LYS C 189 -3.75 -16.93 -14.95
N TRP C 190 -3.01 -16.48 -13.94
CA TRP C 190 -2.23 -15.26 -14.05
C TRP C 190 -0.89 -15.47 -14.77
N ASN C 191 -0.76 -14.85 -15.94
CA ASN C 191 0.47 -14.96 -16.73
C ASN C 191 0.88 -13.63 -17.35
N GLY C 192 2.12 -13.56 -17.83
CA GLY C 192 2.62 -12.35 -18.45
C GLY C 192 3.73 -12.61 -19.45
N ALA C 193 3.62 -11.98 -20.62
CA ALA C 193 4.63 -12.11 -21.66
C ALA C 193 5.40 -10.81 -21.85
N LEU C 194 6.71 -10.87 -21.65
CA LEU C 194 7.56 -9.69 -21.82
C LEU C 194 8.30 -9.75 -23.16
N LEU C 195 7.61 -9.34 -24.22
CA LEU C 195 8.19 -9.37 -25.56
C LEU C 195 9.11 -8.17 -25.80
N ARG C 196 10.40 -8.45 -26.01
CA ARG C 196 11.37 -7.41 -26.27
C ARG C 196 11.61 -7.26 -27.77
N TYR C 197 10.97 -6.26 -28.37
CA TYR C 197 11.13 -6.02 -29.80
C TYR C 197 12.52 -5.47 -30.07
N PHE C 198 12.97 -5.58 -31.32
CA PHE C 198 14.27 -5.03 -31.70
C PHE C 198 14.12 -3.87 -32.66
N ASN C 199 14.06 -4.17 -33.96
CA ASN C 199 13.89 -3.13 -34.97
C ASN C 199 12.86 -3.48 -36.03
N PRO C 200 11.63 -2.97 -35.86
CA PRO C 200 10.53 -3.24 -36.81
C PRO C 200 10.71 -2.47 -38.11
N ALA C 201 10.23 -3.03 -39.21
CA ALA C 201 10.35 -2.39 -40.52
C ALA C 201 9.31 -2.95 -41.49
N GLY C 202 9.08 -2.21 -42.58
CA GLY C 202 8.17 -2.65 -43.62
C GLY C 202 6.72 -2.30 -43.34
N ALA C 203 5.83 -2.76 -44.21
CA ALA C 203 4.40 -2.51 -44.07
C ALA C 203 3.59 -3.70 -44.59
N HIS C 204 2.33 -3.47 -44.89
CA HIS C 204 1.46 -4.53 -45.41
C HIS C 204 1.65 -4.68 -46.91
N PRO C 205 1.73 -5.94 -47.39
CA PRO C 205 1.96 -6.24 -48.81
C PRO C 205 0.85 -5.76 -49.74
N SER C 206 -0.30 -5.39 -49.20
CA SER C 206 -1.38 -4.86 -50.01
C SER C 206 -1.15 -3.38 -50.30
N GLY C 207 -0.36 -2.73 -49.45
CA GLY C 207 -0.02 -1.33 -49.62
C GLY C 207 -1.15 -0.39 -49.25
N ILE C 208 -2.01 -0.83 -48.34
CA ILE C 208 -3.13 0.00 -47.90
C ILE C 208 -2.97 0.42 -46.44
N MET C 209 -2.06 -0.24 -45.72
CA MET C 209 -1.76 0.15 -44.35
C MET C 209 -0.26 0.11 -44.06
N GLY C 210 0.18 1.00 -43.18
CA GLY C 210 1.58 1.09 -42.81
C GLY C 210 1.78 2.03 -41.64
N GLU C 211 3.00 2.51 -41.48
CA GLU C 211 3.31 3.42 -40.38
C GLU C 211 3.01 4.86 -40.73
N ASP C 212 2.07 5.46 -40.00
CA ASP C 212 1.73 6.87 -40.19
C ASP C 212 1.62 7.56 -38.84
N PRO C 213 2.76 8.00 -38.29
CA PRO C 213 2.82 8.65 -36.97
C PRO C 213 2.58 10.15 -37.06
N GLN C 214 2.66 10.83 -35.92
CA GLN C 214 2.55 12.28 -35.88
C GLN C 214 3.92 12.91 -35.70
N GLY C 215 4.06 14.16 -36.10
CA GLY C 215 5.33 14.86 -35.98
C GLY C 215 6.33 14.46 -37.05
N VAL C 216 7.60 14.44 -36.69
CA VAL C 216 8.66 14.12 -37.63
C VAL C 216 9.33 12.79 -37.30
N PRO C 217 9.41 11.88 -38.28
CA PRO C 217 10.06 10.58 -38.12
C PRO C 217 11.53 10.71 -37.73
N TYR C 218 12.11 9.63 -37.23
CA TYR C 218 13.52 9.63 -36.82
C TYR C 218 14.18 8.28 -37.06
N ASN C 219 13.37 7.23 -37.20
CA ASN C 219 13.89 5.90 -37.47
C ASN C 219 14.50 5.82 -38.87
N LEU C 220 15.39 4.85 -39.08
CA LEU C 220 16.15 4.74 -40.32
C LEU C 220 15.27 4.61 -41.56
N LEU C 221 14.46 3.54 -41.59
CA LEU C 221 13.60 3.26 -42.74
C LEU C 221 12.59 4.36 -43.11
N PRO C 222 11.88 4.93 -42.12
CA PRO C 222 10.96 6.02 -42.47
C PRO C 222 11.67 7.23 -43.08
N LEU C 223 12.89 7.51 -42.64
CA LEU C 223 13.66 8.63 -43.20
C LEU C 223 14.15 8.30 -44.61
N LEU C 224 14.54 7.05 -44.83
CA LEU C 224 14.91 6.59 -46.16
C LEU C 224 13.72 6.68 -47.11
N ALA C 225 12.53 6.41 -46.58
CA ALA C 225 11.31 6.50 -47.36
C ALA C 225 11.02 7.94 -47.77
N GLN C 226 11.40 8.88 -46.92
CA GLN C 226 11.22 10.29 -47.21
C GLN C 226 12.20 10.78 -48.27
N VAL C 227 13.40 10.22 -48.27
CA VAL C 227 14.40 10.54 -49.29
C VAL C 227 13.93 10.06 -50.66
N ALA C 228 13.33 8.88 -50.68
CA ALA C 228 12.89 8.25 -51.92
C ALA C 228 11.61 8.88 -52.48
N THR C 229 11.01 9.80 -51.72
CA THR C 229 9.79 10.46 -52.17
C THR C 229 10.02 11.95 -52.47
N GLY C 230 11.09 12.50 -51.92
CA GLY C 230 11.45 13.88 -52.19
C GLY C 230 11.21 14.82 -51.02
N LYS C 231 10.78 14.26 -49.89
CA LYS C 231 10.55 15.07 -48.69
C LYS C 231 11.87 15.32 -47.95
N ARG C 232 12.81 14.41 -48.11
CA ARG C 232 14.15 14.58 -47.57
C ARG C 232 15.15 14.73 -48.72
N GLU C 233 16.17 15.56 -48.51
CA GLU C 233 17.20 15.76 -49.52
C GLU C 233 18.12 14.54 -49.58
N LYS C 234 18.62 14.14 -48.41
CA LYS C 234 19.46 12.95 -48.31
C LYS C 234 19.45 12.43 -46.87
N LEU C 235 20.09 11.28 -46.65
CA LEU C 235 20.13 10.68 -45.32
C LEU C 235 21.45 10.97 -44.62
N LEU C 236 21.38 11.17 -43.30
CA LEU C 236 22.58 11.35 -42.49
C LEU C 236 22.98 10.04 -41.82
N VAL C 237 24.14 9.51 -42.18
CA VAL C 237 24.65 8.28 -41.57
C VAL C 237 25.41 8.61 -40.28
N PHE C 238 24.93 8.09 -39.17
CA PHE C 238 25.50 8.40 -37.87
C PHE C 238 26.70 7.52 -37.53
N GLY C 239 27.89 7.96 -37.92
CA GLY C 239 29.12 7.26 -37.60
C GLY C 239 29.52 6.24 -38.65
N ASP C 240 30.78 6.32 -39.09
CA ASP C 240 31.32 5.38 -40.06
C ASP C 240 32.59 4.73 -39.53
N ASP C 241 32.82 4.89 -38.23
CA ASP C 241 34.03 4.36 -37.60
C ASP C 241 33.74 3.21 -36.64
N TYR C 242 32.57 2.59 -36.79
CA TYR C 242 32.20 1.47 -35.94
C TYR C 242 32.99 0.21 -36.27
N ALA C 243 32.97 -0.75 -35.35
CA ALA C 243 33.75 -1.98 -35.51
C ALA C 243 33.07 -3.01 -36.40
N SER C 244 32.46 -2.54 -37.48
CA SER C 244 31.85 -3.43 -38.47
C SER C 244 32.76 -3.52 -39.70
N HIS C 245 32.33 -4.30 -40.69
CA HIS C 245 33.15 -4.51 -41.88
C HIS C 245 33.14 -3.30 -42.82
N ASP C 246 32.08 -2.50 -42.75
CA ASP C 246 31.99 -1.29 -43.58
C ASP C 246 32.16 -0.02 -42.75
N GLY C 247 31.81 -0.09 -41.47
CA GLY C 247 32.00 1.02 -40.57
C GLY C 247 30.73 1.52 -39.90
N THR C 248 29.59 1.03 -40.36
CA THR C 248 28.30 1.47 -39.82
C THR C 248 27.76 0.50 -38.76
N ALA C 249 26.90 1.02 -37.88
CA ALA C 249 26.36 0.24 -36.77
C ALA C 249 25.49 -0.92 -37.25
N ILE C 250 25.30 -1.91 -36.37
CA ILE C 250 24.56 -3.12 -36.72
C ILE C 250 23.27 -3.24 -35.91
N ARG C 251 22.17 -3.56 -36.59
CA ARG C 251 20.88 -3.76 -35.93
C ARG C 251 20.17 -5.01 -36.44
N ASP C 252 19.12 -5.42 -35.75
CA ASP C 252 18.33 -6.59 -36.14
C ASP C 252 16.97 -6.14 -36.65
N TYR C 253 16.83 -6.06 -37.97
CA TYR C 253 15.59 -5.59 -38.59
C TYR C 253 14.62 -6.73 -38.90
N ILE C 254 13.48 -6.71 -38.23
CA ILE C 254 12.46 -7.75 -38.39
C ILE C 254 11.19 -7.18 -39.02
N HIS C 255 10.60 -7.93 -39.95
CA HIS C 255 9.38 -7.51 -40.62
C HIS C 255 8.23 -7.36 -39.62
N ILE C 256 7.39 -6.35 -39.82
CA ILE C 256 6.31 -6.03 -38.90
C ILE C 256 5.26 -7.15 -38.83
N LEU C 257 5.14 -7.92 -39.90
CA LEU C 257 4.18 -9.02 -39.94
C LEU C 257 4.59 -10.18 -39.04
N ASP C 258 5.87 -10.52 -39.05
CA ASP C 258 6.39 -11.56 -38.17
C ASP C 258 6.37 -11.08 -36.73
N LEU C 259 6.64 -9.79 -36.54
CA LEU C 259 6.65 -9.17 -35.22
C LEU C 259 5.24 -9.18 -34.61
N ALA C 260 4.25 -8.97 -35.46
CA ALA C 260 2.85 -8.95 -35.02
C ALA C 260 2.33 -10.37 -34.80
N ASP C 261 2.84 -11.31 -35.58
CA ASP C 261 2.43 -12.71 -35.47
C ASP C 261 3.08 -13.36 -34.26
N GLY C 262 4.14 -12.76 -33.76
CA GLY C 262 4.85 -13.27 -32.60
C GLY C 262 4.02 -13.18 -31.33
N HIS C 263 3.11 -12.20 -31.29
CA HIS C 263 2.23 -12.02 -30.15
C HIS C 263 1.22 -13.16 -30.07
N LEU C 264 0.79 -13.65 -31.22
CA LEU C 264 -0.16 -14.75 -31.30
C LEU C 264 0.44 -16.02 -30.70
N LYS C 265 1.72 -16.26 -30.99
CA LYS C 265 2.43 -17.42 -30.45
C LYS C 265 2.62 -17.28 -28.96
N ALA C 266 2.91 -16.05 -28.51
CA ALA C 266 3.11 -15.79 -27.09
C ALA C 266 1.79 -15.90 -26.32
N LEU C 267 0.72 -15.38 -26.91
CA LEU C 267 -0.59 -15.39 -26.25
C LEU C 267 -1.11 -16.81 -26.10
N ASN C 268 -0.78 -17.67 -27.06
CA ASN C 268 -1.15 -19.08 -26.97
C ASN C 268 -0.35 -19.81 -25.91
N TYR C 269 0.94 -19.50 -25.84
CA TYR C 269 1.83 -20.14 -24.88
C TYR C 269 1.44 -19.81 -23.44
N LEU C 270 0.87 -18.62 -23.24
CA LEU C 270 0.42 -18.20 -21.92
C LEU C 270 -0.85 -18.93 -21.50
N ARG C 271 -1.73 -19.18 -22.47
CA ARG C 271 -2.99 -19.85 -22.20
C ARG C 271 -2.84 -21.37 -22.21
N ALA C 272 -1.67 -21.84 -22.64
CA ALA C 272 -1.41 -23.28 -22.71
C ALA C 272 -0.60 -23.75 -21.51
N ASN C 273 0.68 -23.42 -21.49
CA ASN C 273 1.58 -23.87 -20.44
C ASN C 273 1.36 -23.16 -19.11
N ASN C 274 0.90 -21.91 -19.18
CA ASN C 274 0.77 -21.05 -18.01
C ASN C 274 2.05 -20.99 -17.16
N PRO C 275 3.12 -20.42 -17.74
CA PRO C 275 4.43 -20.42 -17.07
C PRO C 275 4.64 -19.19 -16.19
N GLY C 276 3.60 -18.38 -16.01
CA GLY C 276 3.71 -17.17 -15.24
C GLY C 276 4.28 -16.02 -16.04
N VAL C 277 5.49 -15.60 -15.70
CA VAL C 277 6.13 -14.49 -16.41
C VAL C 277 7.42 -14.95 -17.09
N ARG C 278 7.56 -14.58 -18.36
CA ARG C 278 8.75 -14.94 -19.14
C ARG C 278 8.98 -13.94 -20.27
N ALA C 279 10.25 -13.70 -20.59
CA ALA C 279 10.62 -12.75 -21.64
C ALA C 279 11.10 -13.44 -22.90
N TRP C 280 10.80 -12.84 -24.05
CA TRP C 280 11.22 -13.39 -25.34
C TRP C 280 11.73 -12.29 -26.28
N ASN C 281 12.83 -12.57 -26.97
CA ASN C 281 13.35 -11.66 -27.98
C ASN C 281 12.66 -11.89 -29.32
N LEU C 282 12.13 -10.81 -29.89
CA LEU C 282 11.47 -10.91 -31.19
C LEU C 282 12.33 -10.30 -32.30
N GLY C 283 13.26 -11.09 -32.82
CA GLY C 283 14.14 -10.65 -33.88
C GLY C 283 14.34 -11.75 -34.92
N THR C 284 15.35 -11.56 -35.77
CA THR C 284 15.64 -12.53 -36.83
C THR C 284 16.96 -13.24 -36.58
N GLY C 285 17.84 -12.58 -35.84
CA GLY C 285 19.17 -13.11 -35.57
C GLY C 285 20.15 -12.66 -36.64
N ARG C 286 19.64 -11.93 -37.63
CA ARG C 286 20.46 -11.44 -38.73
C ARG C 286 20.86 -9.99 -38.49
N GLY C 287 22.16 -9.76 -38.33
CA GLY C 287 22.68 -8.42 -38.16
C GLY C 287 22.89 -7.71 -39.48
N SER C 288 22.43 -6.47 -39.57
CA SER C 288 22.55 -5.70 -40.80
C SER C 288 23.03 -4.28 -40.52
N THR C 289 24.05 -3.85 -41.26
CA THR C 289 24.61 -2.52 -41.09
C THR C 289 23.71 -1.46 -41.73
N VAL C 290 24.04 -0.19 -41.50
CA VAL C 290 23.27 0.91 -42.07
C VAL C 290 23.40 0.95 -43.59
N TYR C 291 24.63 0.77 -44.07
CA TYR C 291 24.91 0.75 -45.50
C TYR C 291 24.12 -0.34 -46.22
N GLU C 292 24.01 -1.51 -45.57
CA GLU C 292 23.26 -2.62 -46.13
C GLU C 292 21.77 -2.29 -46.23
N MET C 293 21.29 -1.47 -45.29
CA MET C 293 19.88 -1.08 -45.28
C MET C 293 19.58 -0.03 -46.35
N ILE C 294 20.51 0.89 -46.56
CA ILE C 294 20.37 1.91 -47.59
C ILE C 294 20.31 1.26 -48.97
N ARG C 295 21.16 0.28 -49.20
CA ARG C 295 21.20 -0.43 -50.48
C ARG C 295 20.01 -1.35 -50.66
N ALA C 296 19.61 -2.04 -49.59
CA ALA C 296 18.47 -2.95 -49.65
C ALA C 296 17.18 -2.21 -49.96
N PHE C 297 17.07 -0.98 -49.48
CA PHE C 297 15.90 -0.16 -49.75
C PHE C 297 15.99 0.53 -51.10
N SER C 298 17.22 0.88 -51.49
CA SER C 298 17.46 1.49 -52.79
C SER C 298 17.13 0.51 -53.92
N LYS C 299 17.39 -0.76 -53.67
CA LYS C 299 17.09 -1.82 -54.63
C LYS C 299 15.58 -1.95 -54.78
N ALA C 300 14.86 -1.81 -53.66
CA ALA C 300 13.41 -1.91 -53.66
C ALA C 300 12.77 -0.72 -54.39
N VAL C 301 13.44 0.41 -54.36
CA VAL C 301 12.96 1.61 -55.05
C VAL C 301 13.37 1.59 -56.52
N GLY C 302 14.64 1.30 -56.76
CA GLY C 302 15.16 1.26 -58.12
C GLY C 302 16.48 2.00 -58.22
N ARG C 303 16.47 3.26 -57.80
CA ARG C 303 17.67 4.09 -57.82
C ARG C 303 18.38 4.03 -56.47
N ASP C 304 19.64 4.47 -56.43
CA ASP C 304 20.40 4.51 -55.19
C ASP C 304 20.23 5.85 -54.49
N LEU C 305 19.80 5.80 -53.24
CA LEU C 305 19.51 7.02 -52.46
C LEU C 305 20.79 7.69 -51.96
N PRO C 306 20.82 9.04 -52.01
CA PRO C 306 22.00 9.81 -51.57
C PRO C 306 22.10 9.88 -50.05
N TYR C 307 23.33 9.85 -49.53
CA TYR C 307 23.55 9.93 -48.10
C TYR C 307 24.83 10.72 -47.78
N GLU C 308 24.93 11.20 -46.55
CA GLU C 308 26.10 11.95 -46.10
C GLU C 308 26.55 11.47 -44.72
N VAL C 309 27.86 11.31 -44.56
CA VAL C 309 28.42 10.81 -43.31
C VAL C 309 28.39 11.86 -42.19
N ALA C 310 27.82 11.49 -41.06
CA ALA C 310 27.71 12.38 -39.91
C ALA C 310 28.38 11.73 -38.70
N PRO C 311 28.73 12.54 -37.68
CA PRO C 311 29.29 11.98 -36.44
C PRO C 311 28.35 10.98 -35.76
N ARG C 312 28.87 10.19 -34.83
CA ARG C 312 28.07 9.21 -34.11
C ARG C 312 26.94 9.87 -33.32
N ARG C 313 25.80 9.19 -33.26
CA ARG C 313 24.69 9.65 -32.43
C ARG C 313 24.93 9.21 -30.99
N ALA C 314 24.66 10.11 -30.04
CA ALA C 314 24.89 9.83 -28.64
C ALA C 314 23.98 8.73 -28.10
N GLY C 315 24.58 7.67 -27.59
CA GLY C 315 23.83 6.58 -26.99
C GLY C 315 23.69 5.36 -27.88
N ASP C 316 24.07 5.49 -29.14
CA ASP C 316 23.96 4.39 -30.09
C ASP C 316 25.00 3.30 -29.82
N VAL C 317 24.53 2.07 -29.62
CA VAL C 317 25.41 0.94 -29.35
C VAL C 317 25.98 0.39 -30.65
N LEU C 318 26.99 -0.48 -30.52
CA LEU C 318 27.63 -1.10 -31.68
C LEU C 318 26.73 -2.15 -32.31
N ASN C 319 26.35 -3.15 -31.53
CA ASN C 319 25.55 -4.26 -32.04
C ASN C 319 24.26 -4.46 -31.25
N LEU C 320 23.19 -4.81 -31.97
CA LEU C 320 21.91 -5.13 -31.35
C LEU C 320 21.26 -6.31 -32.04
N THR C 321 22.03 -7.38 -32.22
CA THR C 321 21.53 -8.59 -32.87
C THR C 321 20.85 -9.49 -31.86
N SER C 322 19.71 -10.07 -32.25
CA SER C 322 18.91 -10.89 -31.35
C SER C 322 19.36 -12.35 -31.35
N ASN C 323 19.06 -13.04 -30.25
CA ASN C 323 19.26 -14.48 -30.16
C ASN C 323 17.91 -15.14 -29.92
N PRO C 324 17.13 -15.31 -31.01
CA PRO C 324 15.72 -15.73 -30.95
C PRO C 324 15.54 -17.23 -30.78
N THR C 325 16.56 -17.93 -30.31
CA THR C 325 16.49 -19.39 -30.14
C THR C 325 15.40 -19.81 -29.16
N ARG C 326 15.17 -19.00 -28.13
CA ARG C 326 14.13 -19.29 -27.15
C ARG C 326 12.74 -19.14 -27.76
N ALA C 327 12.59 -18.14 -28.63
CA ALA C 327 11.31 -17.88 -29.27
C ALA C 327 10.98 -18.93 -30.33
N ASN C 328 12.02 -19.48 -30.96
CA ASN C 328 11.83 -20.50 -31.99
C ASN C 328 11.41 -21.84 -31.42
N THR C 329 11.91 -22.15 -30.23
CA THR C 329 11.63 -23.43 -29.59
C THR C 329 10.37 -23.40 -28.74
N GLU C 330 10.33 -22.49 -27.77
CA GLU C 330 9.23 -22.40 -26.82
C GLU C 330 7.93 -21.91 -27.46
N LEU C 331 8.02 -20.84 -28.24
CA LEU C 331 6.84 -20.24 -28.85
C LEU C 331 6.52 -20.86 -30.21
N GLY C 332 7.52 -21.51 -30.80
CA GLY C 332 7.37 -22.07 -32.14
C GLY C 332 7.23 -20.98 -33.17
N TRP C 333 7.89 -19.85 -32.91
CA TRP C 333 7.83 -18.69 -33.79
C TRP C 333 9.16 -18.42 -34.48
N LYS C 334 9.10 -18.18 -35.78
CA LYS C 334 10.29 -17.86 -36.56
C LYS C 334 9.97 -16.78 -37.59
N ALA C 335 10.90 -15.85 -37.79
CA ALA C 335 10.73 -14.78 -38.76
C ALA C 335 10.65 -15.33 -40.18
N GLN C 336 9.45 -15.39 -40.73
CA GLN C 336 9.22 -15.90 -42.08
C GLN C 336 9.71 -14.93 -43.14
N ARG C 337 9.17 -13.71 -43.11
CA ARG C 337 9.53 -12.67 -44.05
C ARG C 337 10.98 -12.23 -43.86
N THR C 338 11.66 -11.92 -44.96
CA THR C 338 13.06 -11.52 -44.91
C THR C 338 13.20 -10.01 -44.76
N LEU C 339 14.45 -9.55 -44.70
CA LEU C 339 14.74 -8.12 -44.57
C LEU C 339 14.44 -7.40 -45.88
N GLU C 340 14.73 -8.05 -47.00
CA GLU C 340 14.51 -7.47 -48.31
C GLU C 340 13.02 -7.36 -48.62
N GLN C 341 12.24 -8.31 -48.15
CA GLN C 341 10.79 -8.29 -48.33
C GLN C 341 10.18 -7.08 -47.63
N ALA C 342 10.78 -6.70 -46.51
CA ALA C 342 10.29 -5.57 -45.71
C ALA C 342 10.39 -4.26 -46.48
N CYS C 343 11.53 -4.05 -47.14
CA CYS C 343 11.75 -2.82 -47.90
C CYS C 343 10.85 -2.75 -49.13
N GLU C 344 10.48 -3.90 -49.66
CA GLU C 344 9.66 -3.96 -50.88
C GLU C 344 8.22 -3.48 -50.62
N ASP C 345 7.61 -3.93 -49.53
CA ASP C 345 6.25 -3.51 -49.21
C ASP C 345 6.23 -2.23 -48.37
N LEU C 346 7.41 -1.79 -47.91
CA LEU C 346 7.53 -0.49 -47.27
C LEU C 346 7.49 0.59 -48.34
N TRP C 347 8.27 0.39 -49.39
CA TRP C 347 8.28 1.30 -50.52
C TRP C 347 6.93 1.30 -51.22
N LEU C 348 6.27 0.14 -51.22
CA LEU C 348 4.94 0.03 -51.80
C LEU C 348 3.94 0.90 -51.04
N TRP C 349 4.11 0.96 -49.72
CA TRP C 349 3.24 1.74 -48.87
C TRP C 349 3.53 3.23 -48.98
N THR C 350 4.81 3.58 -49.11
CA THR C 350 5.23 4.97 -49.17
C THR C 350 4.95 5.59 -50.54
N LYS C 351 5.22 4.82 -51.60
CA LYS C 351 5.01 5.30 -52.96
C LYS C 351 3.55 5.64 -53.24
N ASN C 352 2.66 4.73 -52.86
CA ASN C 352 1.23 4.92 -53.10
C ASN C 352 0.55 5.80 -52.06
N ASN C 353 1.07 5.77 -50.84
CA ASN C 353 0.53 6.60 -49.76
C ASN C 353 1.60 7.48 -49.12
N PRO C 354 2.00 8.56 -49.83
CA PRO C 354 3.07 9.45 -49.36
C PRO C 354 2.61 10.32 -48.17
N GLN C 355 1.31 10.42 -47.96
CA GLN C 355 0.79 11.24 -46.87
C GLN C 355 0.01 10.42 -45.85
N GLY C 356 0.33 9.12 -45.76
CA GLY C 356 -0.26 8.25 -44.78
C GLY C 356 -1.77 8.11 -44.87
N TYR C 357 -2.44 8.20 -43.72
CA TYR C 357 -3.89 8.03 -43.67
C TYR C 357 -4.63 9.34 -43.86
N ARG C 358 -3.90 10.40 -44.17
CA ARG C 358 -4.51 11.70 -44.48
C ARG C 358 -5.08 11.69 -45.88
N GLN C 359 -4.73 10.68 -46.67
CA GLN C 359 -5.20 10.56 -48.04
C GLN C 359 -5.94 9.24 -48.23
N GLN C 360 -6.60 9.11 -49.36
CA GLN C 360 -7.26 7.86 -49.73
C GLN C 360 -6.36 7.10 -50.69
N PRO C 361 -6.15 5.81 -50.44
CA PRO C 361 -5.28 4.97 -51.28
C PRO C 361 -5.81 4.87 -52.72
N PRO C 362 -4.91 4.59 -53.68
CA PRO C 362 -5.29 4.44 -55.10
C PRO C 362 -6.26 3.29 -55.31
N ALA C 363 -6.76 3.16 -56.55
CA ALA C 363 -7.68 2.08 -56.89
C ALA C 363 -7.03 0.72 -56.69
N GLU C 364 -7.31 0.10 -55.55
CA GLU C 364 -6.66 -1.15 -55.18
C GLU C 364 -7.64 -2.33 -55.18
N LEU C 365 -7.81 -2.93 -56.36
CA LEU C 365 -8.71 -4.07 -56.59
C LEU C 365 -10.06 -3.97 -55.86
N1 UPG D . -20.14 -10.36 7.03
C2 UPG D . -19.91 -10.48 5.68
N3 UPG D . -18.70 -9.97 5.24
C4 UPG D . -17.73 -9.35 6.01
C5 UPG D . -18.07 -9.27 7.39
C6 UPG D . -19.21 -9.75 7.85
O2 UPG D . -20.69 -11.01 4.91
O4 UPG D . -16.70 -8.94 5.48
C1C UPG D . -21.38 -10.87 7.59
C2C UPG D . -21.24 -12.01 8.57
O2C UPG D . -21.23 -13.30 7.94
C3C UPG D . -22.44 -11.83 9.53
C4C UPG D . -22.67 -10.33 9.45
O4C UPG D . -22.00 -9.84 8.26
O3C UPG D . -23.62 -12.50 9.12
C5C UPG D . -22.16 -9.55 10.64
O5C UPG D . -20.72 -9.69 10.72
PA UPG D . -19.93 -9.05 11.98
O1A UPG D . -20.05 -7.59 12.08
O2A UPG D . -18.54 -9.54 11.98
O3A UPG D . -20.77 -9.60 13.26
PB UPG D . -20.95 -11.01 13.91
O1B UPG D . -20.24 -12.08 13.19
O2B UPG D . -22.40 -11.25 14.03
O3B UPG D . -20.18 -10.88 15.36
C1' UPG D . -19.78 -9.61 15.88
C2' UPG D . -18.38 -9.57 16.56
C3' UPG D . -18.29 -10.12 17.99
C4' UPG D . -19.49 -9.73 18.86
C5' UPG D . -20.77 -10.03 18.05
C6' UPG D . -22.08 -9.75 18.80
O2' UPG D . -17.35 -10.28 15.81
O3' UPG D . -17.09 -9.73 18.69
O4' UPG D . -19.49 -10.44 20.12
O5' UPG D . -20.76 -9.22 16.85
O6' UPG D . -22.30 -10.73 19.88
PA NAD E . -13.30 -2.11 22.35
O1A NAD E . -12.06 -2.83 21.94
O2A NAD E . -13.43 -0.76 21.74
O5B NAD E . -13.35 -1.90 23.93
C5B NAD E . -12.62 -2.78 24.76
C4B NAD E . -11.70 -1.97 25.67
O4B NAD E . -10.99 -2.89 26.50
C3B NAD E . -10.63 -1.23 24.88
O3B NAD E . -10.70 0.13 25.28
C2B NAD E . -9.31 -1.87 25.33
O2B NAD E . -8.18 -1.00 25.43
C1B NAD E . -9.66 -2.43 26.69
N9A NAD E . -8.84 -3.52 27.21
C8A NAD E . -8.60 -4.72 26.60
N7A NAD E . -7.79 -5.43 27.40
C5A NAD E . -7.51 -4.69 28.52
C6A NAD E . -6.73 -4.92 29.66
N6A NAD E . -6.03 -6.07 29.88
N1A NAD E . -6.67 -3.92 30.60
C2A NAD E . -7.34 -2.72 30.46
N3A NAD E . -8.10 -2.49 29.34
C4A NAD E . -8.17 -3.48 28.39
O3 NAD E . -14.56 -3.02 22.02
PN NAD E . -16.09 -2.61 22.22
O1N NAD E . -16.71 -2.80 20.90
O2N NAD E . -16.30 -1.34 23.00
O5D NAD E . -16.58 -3.80 23.19
C5D NAD E . -16.66 -3.56 24.59
C4D NAD E . -17.22 -4.81 25.29
O4D NAD E . -18.44 -5.18 24.68
C3D NAD E . -16.31 -6.02 25.21
O3D NAD E . -16.42 -6.70 26.45
C2D NAD E . -16.94 -6.84 24.09
O2D NAD E . -16.66 -8.22 24.20
C1D NAD E . -18.42 -6.53 24.29
N1N NAD E . -19.29 -6.66 23.10
C2N NAD E . -18.92 -6.08 21.91
C3N NAD E . -19.60 -6.39 20.75
C7N NAD E . -19.16 -5.79 19.46
O7N NAD E . -19.83 -6.23 18.33
N7N NAD E . -18.19 -4.88 19.40
C4N NAD E . -20.78 -7.13 20.81
C5N NAD E . -21.12 -7.75 22.01
C6N NAD E . -20.38 -7.49 23.17
C1 GOL F . -31.15 -14.24 33.60
O1 GOL F . -32.01 -13.10 33.77
C2 GOL F . -31.91 -15.50 33.03
O2 GOL F . -31.47 -15.76 31.68
C3 GOL F . -33.45 -15.31 33.05
O3 GOL F . -34.05 -15.82 31.85
I IOD G . -15.21 2.89 11.34
I IOD H . -29.28 -22.31 6.54
I IOD I . -16.72 -13.92 47.58
N1 UDP J . 15.25 -10.69 12.79
C2 UDP J . 14.89 -11.82 13.51
N3 UDP J . 13.64 -11.91 14.08
C4 UDP J . 12.74 -10.87 13.97
C5 UDP J . 13.08 -9.78 13.18
C6 UDP J . 14.40 -9.61 12.78
O2 UDP J . 15.71 -12.72 13.66
O4 UDP J . 11.65 -10.94 14.54
C1' UDP J . 16.66 -10.52 12.40
C2' UDP J . 16.88 -10.93 10.95
O2' UDP J . 18.05 -11.70 10.87
C3' UDP J . 17.12 -9.63 10.22
C4' UDP J . 17.53 -8.65 11.31
O4' UDP J . 17.04 -9.17 12.52
O3' UDP J . 18.15 -9.78 9.27
C5' UDP J . 16.93 -7.27 11.07
O5' UDP J . 15.58 -7.45 10.68
PA UDP J . 14.67 -6.15 10.40
O1A UDP J . 14.63 -5.29 11.59
O2A UDP J . 13.30 -6.55 9.98
O3A UDP J . 15.49 -5.38 9.24
PB UDP J . 16.00 -6.10 7.90
O1B UDP J . 15.59 -7.52 7.89
O2B UDP J . 17.47 -5.96 7.86
O3B UDP J . 15.42 -5.42 6.71
PA NAD K . 6.97 5.31 8.49
O1A NAD K . 5.81 4.46 8.13
O2A NAD K . 6.98 5.74 9.91
O5B NAD K . 6.96 6.67 7.62
C5B NAD K . 6.32 6.67 6.38
C4B NAD K . 5.25 7.76 6.37
O4B NAD K . 4.60 7.73 5.10
C3B NAD K . 4.14 7.51 7.40
O3B NAD K . 4.05 8.66 8.20
C2B NAD K . 2.87 7.32 6.55
O2B NAD K . 1.67 7.86 7.10
C1B NAD K . 3.23 8.04 5.27
N9A NAD K . 2.50 7.66 4.05
C8A NAD K . 2.32 6.40 3.55
N7A NAD K . 1.59 6.51 2.43
C5A NAD K . 1.29 7.84 2.21
C6A NAD K . 0.58 8.51 1.22
N6A NAD K . -0.03 7.88 0.17
N1A NAD K . 0.48 9.87 1.31
C2A NAD K . 1.08 10.59 2.35
N3A NAD K . 1.78 9.93 3.32
C4A NAD K . 1.88 8.57 3.24
O3 NAD K . 8.30 4.59 8.08
PN NAD K . 9.79 5.12 8.35
O1N NAD K . 10.47 4.02 9.04
O2N NAD K . 9.86 6.53 8.85
O5D NAD K . 10.34 5.21 6.84
C5D NAD K . 10.41 6.47 6.18
C4D NAD K . 11.08 6.32 4.81
O4D NAD K . 12.35 5.73 4.97
C3D NAD K . 10.32 5.44 3.82
O3D NAD K . 10.48 6.04 2.54
C2D NAD K . 11.08 4.13 3.89
O2D NAD K . 10.96 3.37 2.71
C1D NAD K . 12.51 4.61 4.13
N1N NAD K . 13.44 3.69 4.78
C2N NAD K . 13.15 3.16 6.02
C3N NAD K . 13.91 2.14 6.54
C7N NAD K . 13.55 1.54 7.86
O7N NAD K . 14.28 0.42 8.22
N7N NAD K . 12.61 2.07 8.63
C4N NAD K . 15.10 1.77 5.90
C5N NAD K . 15.41 2.34 4.67
C6N NAD K . 14.57 3.29 4.11
I IOD L . 8.92 0.83 19.40
I IOD M . 25.53 -17.58 4.86
I IOD N . 10.82 16.65 -17.15
N1 UDP O . 20.63 5.83 -38.43
C2 UDP O . 21.29 6.72 -39.25
N3 UDP O . 20.65 7.87 -39.69
C4 UDP O . 19.35 8.13 -39.31
C5 UDP O . 18.70 7.24 -38.46
C6 UDP O . 19.29 6.00 -38.20
O2 UDP O . 22.44 6.49 -39.62
O4 UDP O . 18.77 9.14 -39.72
C1' UDP O . 21.29 4.55 -38.10
C2' UDP O . 21.89 4.59 -36.71
O2' UDP O . 23.12 3.90 -36.73
C3' UDP O . 20.92 3.82 -35.86
C4' UDP O . 20.27 2.87 -36.85
O4' UDP O . 20.33 3.51 -38.10
O3' UDP O . 21.59 3.10 -34.85
C5' UDP O . 18.82 2.59 -36.49
O5' UDP O . 18.22 3.78 -36.02
PA UDP O . 16.67 3.74 -35.59
O1A UDP O . 15.84 3.31 -36.75
O2A UDP O . 16.23 5.05 -35.07
O3A UDP O . 16.64 2.57 -34.49
PB UDP O . 17.58 2.58 -33.19
O1B UDP O . 18.26 3.90 -33.08
O2B UDP O . 18.56 1.48 -33.32
O3B UDP O . 16.77 2.37 -31.97
PA NAD P . 3.39 3.89 -31.94
O1A NAD P . 3.58 5.29 -31.48
O2A NAD P . 2.96 3.79 -33.36
O5B NAD P . 2.26 3.16 -31.07
C5B NAD P . 2.04 3.60 -29.75
C4B NAD P . 0.56 3.95 -29.55
O4B NAD P . 0.41 4.44 -28.23
C3B NAD P . 0.10 5.08 -30.47
O3B NAD P . -1.03 4.60 -31.17
C2B NAD P . -0.28 6.22 -29.50
O2B NAD P . -1.41 6.99 -29.87
C1B NAD P . -0.56 5.47 -28.22
N9A NAD P . -0.45 6.22 -26.96
C8A NAD P . 0.60 7.00 -26.55
N7A NAD P . 0.28 7.51 -25.35
C5A NAD P . -0.96 7.06 -24.99
C6A NAD P . -1.77 7.28 -23.87
N6A NAD P . -1.41 8.07 -22.82
N1A NAD P . -2.99 6.66 -23.84
C2A NAD P . -3.44 5.84 -24.86
N3A NAD P . -2.65 5.63 -25.97
C4A NAD P . -1.42 6.24 -26.02
O3 NAD P . 4.71 3.08 -31.67
PN NAD P . 5.02 1.58 -32.15
O1N NAD P . 6.21 1.70 -33.00
O2N NAD P . 3.82 0.80 -32.59
O5D NAD P . 5.46 0.93 -30.74
C5D NAD P . 4.55 0.17 -29.99
C4D NAD P . 5.21 -0.33 -28.70
O4D NAD P . 6.39 -1.05 -29.05
C3D NAD P . 5.64 0.76 -27.74
O3D NAD P . 5.42 0.27 -26.44
C2D NAD P . 7.13 0.89 -28.01
O2D NAD P . 7.85 1.38 -26.90
C1D NAD P . 7.50 -0.55 -28.36
N1N NAD P . 8.69 -0.75 -29.21
C2N NAD P . 8.78 -0.12 -30.43
C3N NAD P . 9.96 -0.14 -31.13
C7N NAD P . 10.09 0.63 -32.40
O7N NAD P . 11.33 0.63 -33.00
N7N NAD P . 9.03 1.27 -32.94
C4N NAD P . 11.00 -0.98 -30.72
C5N NAD P . 10.90 -1.62 -29.47
C6N NAD P . 9.73 -1.51 -28.74
I IOD Q . 6.98 5.53 -43.30
I IOD R . 33.07 0.69 -32.05
I IOD S . -1.27 -6.89 -6.35
#